data_2YG4
#
_entry.id   2YG4
#
_cell.length_a   198.590
_cell.length_b   80.610
_cell.length_c   92.120
_cell.angle_alpha   90.00
_cell.angle_beta   90.00
_cell.angle_gamma   90.00
#
_symmetry.space_group_name_H-M   'P 21 21 2'
#
loop_
_entity.id
_entity.type
_entity.pdbx_description
1 polymer 'PUTRESCINE OXIDASE'
2 non-polymer 'FLAVIN-ADENINE DINUCLEOTIDE'
3 non-polymer 4-HYDROXYBUTAN-1-AMINIUM
4 non-polymer GLYCEROL
5 non-polymer 'SULFATE ION'
6 water water
#
_entity_poly.entity_id   1
_entity_poly.type   'polypeptide(L)'
_entity_poly.pdbx_seq_one_letter_code
;VPTLQRDVAIVGAGPSGLAAATALRKAGLSVAVIEARDRVGGRTWTDTIDGAVLEIGGQWVSPDQTALISLLDELGLKTF
ERYREGESVYISSAGERTRYTGDSFPTNETTKKEMDRLIDEMDDLAAQIGAEEPWAHPLARDLDTVSFKQWLINQSDDAE
ARDNIGLFIAGGMLTKPAHSFSALQAVLMAASAGSFSHLVDEDFILDKRVIGGMQQVSIRMAEALGDDVFLNAPVRTVKW
NESGATVLADGDIRVEASRVILAVPPNLYSRISYDPPLPRRQHQMHQHQSLGLVIKVHAVYETPFWREDGLSGTGFGASE
VVQEVYDNTNHEDDRGTLVAFVSDEKADAMFELSAEERKATILASLARYLGPKAEEPVVYYESDWGSEEWTRGAYAASFD
LGGLHRYGADSRTPVGPIHFSCSDIAAEGYQHVDGAVRMGQRTAADIIARSKA
;
_entity_poly.pdbx_strand_id   A,B
#
# COMPACT_ATOMS: atom_id res chain seq x y z
N PRO A 2 -32.43 5.15 13.45
CA PRO A 2 -33.44 4.89 12.43
C PRO A 2 -33.13 3.66 11.54
N THR A 3 -34.15 2.94 11.09
CA THR A 3 -33.87 1.99 10.08
C THR A 3 -34.63 2.29 8.80
N LEU A 4 -33.97 2.23 7.66
CA LEU A 4 -34.64 2.51 6.40
C LEU A 4 -34.36 1.51 5.33
N GLN A 5 -35.31 1.41 4.40
CA GLN A 5 -35.12 0.59 3.24
C GLN A 5 -34.85 1.40 2.01
N ARG A 6 -33.90 0.98 1.18
CA ARG A 6 -33.58 1.70 -0.05
C ARG A 6 -33.17 0.74 -1.12
N ASP A 7 -33.42 1.11 -2.38
CA ASP A 7 -32.81 0.35 -3.47
C ASP A 7 -31.25 0.30 -3.39
N VAL A 8 -30.64 1.46 -3.21
CA VAL A 8 -29.16 1.59 -3.13
C VAL A 8 -28.73 2.39 -1.92
N ALA A 9 -27.81 1.80 -1.13
CA ALA A 9 -27.15 2.54 -0.04
C ALA A 9 -25.77 2.98 -0.58
N ILE A 10 -25.40 4.24 -0.31
CA ILE A 10 -24.18 4.86 -0.88
C ILE A 10 -23.32 5.39 0.26
N VAL A 11 -22.08 4.90 0.31
CA VAL A 11 -21.17 5.30 1.37
C VAL A 11 -20.25 6.35 0.79
N GLY A 12 -20.42 7.57 1.28
CA GLY A 12 -19.55 8.70 0.90
C GLY A 12 -20.33 9.73 0.07
N ALA A 13 -20.40 10.98 0.56
CA ALA A 13 -21.06 12.02 -0.20
C ALA A 13 -20.02 12.96 -0.85
N GLY A 14 -19.01 12.39 -1.51
CA GLY A 14 -18.13 13.17 -2.34
C GLY A 14 -18.84 13.28 -3.68
N PRO A 15 -18.16 13.87 -4.69
CA PRO A 15 -18.79 14.01 -6.02
C PRO A 15 -19.18 12.65 -6.61
N SER A 16 -18.43 11.57 -6.34
CA SER A 16 -18.78 10.29 -6.96
C SER A 16 -20.09 9.66 -6.41
N GLY A 17 -20.22 9.55 -5.08
CA GLY A 17 -21.44 9.09 -4.42
C GLY A 17 -22.67 9.91 -4.82
N LEU A 18 -22.52 11.25 -4.82
CA LEU A 18 -23.59 12.17 -5.17
C LEU A 18 -23.94 12.08 -6.63
N ALA A 19 -22.97 12.01 -7.53
CA ALA A 19 -23.34 11.84 -8.90
C ALA A 19 -24.09 10.52 -9.08
N ALA A 20 -23.72 9.47 -8.34
CA ALA A 20 -24.40 8.17 -8.54
C ALA A 20 -25.86 8.24 -8.04
N ALA A 21 -26.04 8.84 -6.87
CA ALA A 21 -27.34 9.00 -6.23
C ALA A 21 -28.22 9.81 -7.17
N THR A 22 -27.69 10.87 -7.72
CA THR A 22 -28.41 11.72 -8.68
C THR A 22 -28.92 10.96 -9.88
N ALA A 23 -28.06 10.16 -10.50
CA ALA A 23 -28.45 9.31 -11.65
C ALA A 23 -29.48 8.23 -11.25
N LEU A 24 -29.29 7.60 -10.08
CA LEU A 24 -30.20 6.57 -9.61
C LEU A 24 -31.62 7.15 -9.43
N ARG A 25 -31.76 8.36 -8.84
CA ARG A 25 -33.09 8.94 -8.63
C ARG A 25 -33.80 9.18 -9.96
N LYS A 26 -33.12 9.67 -10.98
CA LYS A 26 -33.76 9.83 -12.29
C LYS A 26 -34.43 8.53 -12.78
N ALA A 27 -33.83 7.38 -12.50
CA ALA A 27 -34.44 6.11 -12.93
C ALA A 27 -35.57 5.68 -11.96
N GLY A 28 -35.84 6.46 -10.93
CA GLY A 28 -36.78 5.99 -9.96
C GLY A 28 -36.28 5.02 -8.92
N LEU A 29 -34.95 4.77 -8.78
CA LEU A 29 -34.52 3.93 -7.66
C LEU A 29 -34.41 4.81 -6.42
N SER A 30 -34.70 4.31 -5.24
CA SER A 30 -34.54 5.18 -4.05
C SER A 30 -33.14 4.97 -3.47
N VAL A 31 -32.62 5.94 -2.68
CA VAL A 31 -31.22 5.98 -2.22
C VAL A 31 -31.07 6.51 -0.79
N ALA A 32 -29.98 6.11 -0.09
CA ALA A 32 -29.56 6.89 1.09
C ALA A 32 -28.08 7.13 0.92
N VAL A 33 -27.64 8.34 1.25
CA VAL A 33 -26.23 8.62 1.00
C VAL A 33 -25.73 8.87 2.39
N ILE A 34 -24.74 8.07 2.83
CA ILE A 34 -24.26 8.11 4.19
C ILE A 34 -22.81 8.63 4.29
N GLU A 35 -22.60 9.73 5.03
CA GLU A 35 -21.38 10.51 4.92
C GLU A 35 -20.76 10.67 6.27
N ALA A 36 -19.45 10.42 6.39
CA ALA A 36 -18.75 10.48 7.70
C ALA A 36 -18.70 11.85 8.28
N ARG A 37 -18.47 12.83 7.44
CA ARG A 37 -18.10 14.17 7.89
C ARG A 37 -19.35 15.01 8.15
N ASP A 38 -19.15 16.23 8.68
CA ASP A 38 -20.27 17.17 8.85
C ASP A 38 -20.55 17.95 7.59
N ARG A 39 -20.10 17.50 6.42
CA ARG A 39 -20.36 18.26 5.21
C ARG A 39 -20.29 17.28 4.06
N VAL A 40 -20.73 17.69 2.87
CA VAL A 40 -20.52 16.89 1.67
C VAL A 40 -19.34 17.46 0.87
N GLY A 41 -18.94 16.77 -0.20
CA GLY A 41 -17.84 17.29 -1.04
C GLY A 41 -16.54 16.53 -0.99
N GLY A 42 -16.21 15.88 0.14
CA GLY A 42 -15.04 15.04 0.28
C GLY A 42 -13.74 15.85 0.05
N ARG A 43 -13.01 15.51 -1.01
CA ARG A 43 -11.76 16.23 -1.35
C ARG A 43 -12.07 17.57 -2.04
N THR A 44 -13.37 17.87 -2.30
CA THR A 44 -13.69 19.26 -2.67
C THR A 44 -14.22 19.98 -1.39
N TRP A 45 -13.77 21.20 -1.12
CA TRP A 45 -14.18 21.84 0.07
C TRP A 45 -13.85 23.33 -0.03
N THR A 46 -14.81 24.21 0.21
CA THR A 46 -14.52 25.66 0.19
C THR A 46 -14.64 26.14 1.63
N ASP A 47 -13.61 26.84 2.11
CA ASP A 47 -13.62 27.27 3.51
C ASP A 47 -13.03 28.67 3.67
N THR A 48 -13.21 29.27 4.84
CA THR A 48 -12.79 30.65 4.99
C THR A 48 -11.76 30.66 6.12
N ILE A 49 -10.51 31.02 5.79
CA ILE A 49 -9.41 31.00 6.73
C ILE A 49 -9.00 32.44 6.98
N ASP A 50 -9.04 32.86 8.24
CA ASP A 50 -8.66 34.24 8.62
C ASP A 50 -9.38 35.26 7.79
N GLY A 51 -10.66 34.98 7.53
CA GLY A 51 -11.51 35.88 6.81
C GLY A 51 -11.31 35.83 5.30
N ALA A 52 -10.48 34.91 4.80
CA ALA A 52 -10.26 34.82 3.31
C ALA A 52 -10.78 33.48 2.79
N VAL A 53 -11.54 33.51 1.71
CA VAL A 53 -12.20 32.30 1.20
C VAL A 53 -11.25 31.60 0.25
N LEU A 54 -11.16 30.27 0.37
CA LEU A 54 -10.18 29.46 -0.36
C LEU A 54 -10.79 28.14 -0.77
N GLU A 55 -10.24 27.57 -1.81
CA GLU A 55 -10.65 26.18 -2.18
C GLU A 55 -9.60 25.28 -1.60
N ILE A 56 -9.97 24.60 -0.55
CA ILE A 56 -9.03 23.82 0.17
C ILE A 56 -8.62 22.58 -0.66
N GLY A 57 -9.51 22.07 -1.54
CA GLY A 57 -9.23 20.87 -2.32
C GLY A 57 -9.33 21.01 -3.83
N GLY A 58 -9.95 20.03 -4.47
CA GLY A 58 -10.09 20.06 -5.94
C GLY A 58 -10.78 21.33 -6.43
N GLN A 59 -10.34 21.84 -7.58
CA GLN A 59 -10.87 23.09 -8.07
C GLN A 59 -10.86 23.35 -9.54
N TRP A 60 -10.03 22.69 -10.37
CA TRP A 60 -9.88 23.14 -11.74
C TRP A 60 -10.56 22.25 -12.68
N VAL A 61 -11.06 22.85 -13.77
CA VAL A 61 -11.74 22.12 -14.83
C VAL A 61 -10.99 22.29 -16.15
N SER A 62 -10.71 21.22 -16.85
CA SER A 62 -10.08 21.31 -18.16
C SER A 62 -11.11 21.06 -19.29
N PRO A 63 -10.78 21.43 -20.53
CA PRO A 63 -11.77 21.12 -21.60
C PRO A 63 -12.05 19.64 -21.91
N ASP A 64 -11.20 18.69 -21.50
CA ASP A 64 -11.49 17.26 -21.74
C ASP A 64 -12.44 16.71 -20.67
N GLN A 65 -12.75 17.49 -19.64
CA GLN A 65 -13.52 17.00 -18.50
C GLN A 65 -15.02 17.14 -18.77
N THR A 66 -15.48 16.39 -19.76
CA THR A 66 -16.80 16.66 -20.29
C THR A 66 -17.94 16.19 -19.36
N ALA A 67 -17.72 15.13 -18.59
CA ALA A 67 -18.75 14.69 -17.63
C ALA A 67 -18.98 15.82 -16.61
N LEU A 68 -17.89 16.39 -16.06
CA LEU A 68 -18.02 17.49 -15.11
C LEU A 68 -18.71 18.71 -15.75
N ILE A 69 -18.23 19.16 -16.90
CA ILE A 69 -18.76 20.36 -17.59
C ILE A 69 -20.29 20.14 -17.82
N SER A 70 -20.63 18.95 -18.30
CA SER A 70 -22.03 18.68 -18.53
C SER A 70 -22.80 18.77 -17.19
N LEU A 71 -22.19 18.32 -16.09
CA LEU A 71 -22.92 18.36 -14.82
C LEU A 71 -23.13 19.76 -14.29
N LEU A 72 -22.11 20.64 -14.46
CA LEU A 72 -22.18 22.01 -14.06
C LEU A 72 -23.35 22.71 -14.72
N ASP A 73 -23.45 22.55 -16.03
CA ASP A 73 -24.59 23.06 -16.77
C ASP A 73 -25.93 22.58 -16.15
N GLU A 74 -26.12 21.28 -16.00
CA GLU A 74 -27.32 20.72 -15.33
C GLU A 74 -27.58 21.35 -13.96
N LEU A 75 -26.54 21.76 -13.23
CA LEU A 75 -26.77 22.25 -11.89
C LEU A 75 -26.87 23.78 -11.89
N GLY A 76 -26.82 24.40 -13.06
CA GLY A 76 -26.85 25.87 -13.10
C GLY A 76 -25.53 26.53 -12.65
N LEU A 77 -24.36 25.86 -12.77
CA LEU A 77 -23.11 26.48 -12.28
C LEU A 77 -22.32 26.94 -13.50
N LYS A 78 -21.61 28.04 -13.37
CA LYS A 78 -20.80 28.61 -14.46
C LYS A 78 -19.32 28.54 -14.06
N THR A 79 -18.46 28.74 -15.03
CA THR A 79 -17.03 28.67 -14.80
C THR A 79 -16.34 30.01 -15.15
N PHE A 80 -15.12 30.22 -14.67
CA PHE A 80 -14.33 31.38 -15.08
C PHE A 80 -12.91 30.91 -15.34
N GLU A 81 -12.15 31.66 -16.11
CA GLU A 81 -10.78 31.18 -16.37
C GLU A 81 -9.73 31.75 -15.47
N ARG A 82 -8.75 30.90 -15.13
CA ARG A 82 -7.57 31.34 -14.35
C ARG A 82 -6.84 32.44 -15.12
N TYR A 83 -6.49 33.52 -14.46
CA TYR A 83 -5.68 34.56 -15.09
C TYR A 83 -4.36 33.98 -15.66
N ARG A 84 -4.06 34.28 -16.93
CA ARG A 84 -2.87 33.83 -17.62
C ARG A 84 -2.11 34.90 -18.44
N GLU A 85 -2.39 36.19 -18.27
CA GLU A 85 -1.75 37.21 -19.13
C GLU A 85 -0.34 37.48 -18.69
N GLY A 86 0.52 37.84 -19.66
CA GLY A 86 1.92 38.20 -19.36
C GLY A 86 2.87 37.01 -19.26
N GLU A 87 3.95 37.19 -18.53
CA GLU A 87 5.02 36.25 -18.52
C GLU A 87 5.00 35.25 -17.35
N SER A 88 5.31 34.02 -17.70
CA SER A 88 5.56 32.96 -16.73
C SER A 88 7.01 33.01 -16.29
N VAL A 89 7.28 32.37 -15.14
CA VAL A 89 8.67 32.21 -14.66
C VAL A 89 9.14 30.72 -14.65
N TYR A 90 10.33 30.44 -15.18
CA TYR A 90 11.04 29.17 -15.06
C TYR A 90 12.33 29.27 -14.20
N ILE A 91 12.46 28.35 -13.26
CA ILE A 91 13.70 28.26 -12.50
C ILE A 91 14.41 26.95 -12.90
N SER A 92 15.60 27.09 -13.48
CA SER A 92 16.33 25.97 -14.04
C SER A 92 16.97 25.13 -12.93
N SER A 93 17.55 23.99 -13.27
CA SER A 93 18.36 23.21 -12.29
C SER A 93 19.57 23.98 -11.80
N ALA A 94 20.09 24.90 -12.60
CA ALA A 94 21.23 25.72 -12.21
C ALA A 94 20.80 26.87 -11.29
N GLY A 95 19.51 26.93 -10.93
CA GLY A 95 18.97 28.02 -10.12
C GLY A 95 18.73 29.31 -10.93
N GLU A 96 18.80 29.26 -12.26
CA GLU A 96 18.64 30.47 -13.07
C GLU A 96 17.15 30.81 -13.31
N ARG A 97 16.78 32.08 -13.08
CA ARG A 97 15.39 32.49 -13.20
C ARG A 97 15.15 33.26 -14.49
N THR A 98 14.21 32.82 -15.33
CA THR A 98 13.97 33.47 -16.64
C THR A 98 12.44 33.65 -16.82
N ARG A 99 12.01 34.88 -17.14
CA ARG A 99 10.62 35.16 -17.58
C ARG A 99 10.46 34.62 -18.97
N TYR A 100 9.28 34.09 -19.29
CA TYR A 100 9.03 33.58 -20.65
C TYR A 100 7.52 33.53 -20.95
N THR A 101 7.18 33.48 -22.24
CA THR A 101 5.83 33.19 -22.70
C THR A 101 5.92 32.04 -23.73
N GLY A 102 4.80 31.50 -24.19
CA GLY A 102 4.92 30.51 -25.24
C GLY A 102 4.92 29.12 -24.65
N ASP A 103 5.02 28.10 -25.54
CA ASP A 103 4.71 26.74 -25.09
C ASP A 103 5.86 25.87 -24.70
N SER A 104 7.02 26.43 -24.42
CA SER A 104 8.04 25.59 -23.81
C SER A 104 8.94 26.34 -22.86
N PHE A 105 9.66 25.60 -22.02
CA PHE A 105 10.54 26.23 -21.03
C PHE A 105 11.74 26.94 -21.68
N PRO A 106 12.14 28.07 -21.14
CA PRO A 106 13.29 28.79 -21.72
C PRO A 106 14.67 28.12 -21.42
N THR A 107 14.83 26.83 -21.80
CA THR A 107 16.08 26.10 -21.58
C THR A 107 16.93 26.29 -22.88
N ASN A 108 18.16 25.76 -22.94
CA ASN A 108 18.80 25.72 -24.25
C ASN A 108 18.04 24.85 -25.26
N GLU A 109 18.39 24.99 -26.54
CA GLU A 109 17.77 24.18 -27.61
C GLU A 109 17.91 22.65 -27.48
N THR A 110 19.08 22.19 -27.04
CA THR A 110 19.28 20.75 -26.86
C THR A 110 18.33 20.19 -25.81
N THR A 111 18.18 20.89 -24.66
CA THR A 111 17.28 20.40 -23.62
C THR A 111 15.84 20.50 -24.09
N LYS A 112 15.55 21.56 -24.81
CA LYS A 112 14.25 21.66 -25.45
C LYS A 112 13.89 20.50 -26.40
N LYS A 113 14.84 20.04 -27.22
CA LYS A 113 14.61 18.88 -28.07
C LYS A 113 14.41 17.59 -27.30
N GLU A 114 15.16 17.42 -26.21
CA GLU A 114 14.99 16.25 -25.36
C GLU A 114 13.58 16.23 -24.79
N MET A 115 13.13 17.36 -24.23
CA MET A 115 11.77 17.46 -23.70
C MET A 115 10.69 17.12 -24.74
N ASP A 116 10.81 17.69 -25.93
CA ASP A 116 9.89 17.48 -27.00
C ASP A 116 9.80 16.03 -27.38
N ARG A 117 10.94 15.38 -27.45
CA ARG A 117 10.96 13.98 -27.81
C ARG A 117 10.28 13.11 -26.71
N LEU A 118 10.42 13.54 -25.45
CA LEU A 118 9.89 12.71 -24.37
C LEU A 118 8.40 12.95 -24.32
N ILE A 119 7.94 14.17 -24.63
CA ILE A 119 6.51 14.47 -24.67
C ILE A 119 5.84 13.69 -25.83
N ASP A 120 6.44 13.69 -27.02
CA ASP A 120 5.91 12.93 -28.15
C ASP A 120 5.85 11.42 -27.85
N GLU A 121 6.90 10.90 -27.21
CA GLU A 121 6.91 9.51 -26.81
C GLU A 121 5.72 9.19 -25.84
N MET A 122 5.53 10.02 -24.80
CA MET A 122 4.43 9.84 -23.86
C MET A 122 3.07 10.02 -24.58
N ASP A 123 2.95 11.02 -25.48
CA ASP A 123 1.70 11.12 -26.26
C ASP A 123 1.42 9.84 -27.05
N ASP A 124 2.43 9.31 -27.71
CA ASP A 124 2.26 8.11 -28.52
C ASP A 124 1.81 6.91 -27.63
N LEU A 125 2.44 6.76 -26.45
CA LEU A 125 2.11 5.63 -25.59
C LEU A 125 0.67 5.74 -25.10
N ALA A 126 0.26 6.96 -24.70
CA ALA A 126 -1.05 7.20 -24.17
C ALA A 126 -2.12 6.94 -25.23
N ALA A 127 -1.84 7.37 -26.47
CA ALA A 127 -2.78 7.15 -27.58
C ALA A 127 -2.91 5.66 -27.90
N GLN A 128 -1.82 4.89 -27.90
CA GLN A 128 -1.97 3.42 -28.11
C GLN A 128 -2.63 2.68 -26.98
N ILE A 129 -2.33 3.11 -25.75
CA ILE A 129 -2.65 2.32 -24.60
C ILE A 129 -4.00 2.63 -24.00
N GLY A 130 -4.35 3.91 -23.90
CA GLY A 130 -5.63 4.28 -23.31
C GLY A 130 -5.70 4.23 -21.77
N ALA A 131 -6.78 4.80 -21.26
CA ALA A 131 -7.07 4.92 -19.83
C ALA A 131 -8.05 3.84 -19.35
N GLU A 132 -8.79 3.28 -20.29
CA GLU A 132 -9.86 2.32 -19.94
C GLU A 132 -9.30 1.00 -19.39
N GLU A 133 -8.26 0.45 -20.01
CA GLU A 133 -7.66 -0.82 -19.53
C GLU A 133 -6.22 -0.91 -19.99
N PRO A 134 -5.39 -0.06 -19.42
CA PRO A 134 -3.97 0.04 -19.83
C PRO A 134 -3.18 -1.28 -19.62
N TRP A 135 -3.56 -2.05 -18.58
CA TRP A 135 -3.00 -3.35 -18.30
C TRP A 135 -3.22 -4.41 -19.42
N ALA A 136 -4.21 -4.25 -20.31
CA ALA A 136 -4.42 -5.23 -21.36
C ALA A 136 -3.57 -5.03 -22.60
N HIS A 137 -2.87 -3.92 -22.71
CA HIS A 137 -2.09 -3.68 -23.94
C HIS A 137 -0.84 -4.56 -24.03
N PRO A 138 -0.42 -4.98 -25.25
CA PRO A 138 0.78 -5.83 -25.31
C PRO A 138 2.08 -5.13 -24.70
N LEU A 139 2.16 -3.78 -24.71
CA LEU A 139 3.33 -3.07 -24.13
C LEU A 139 3.19 -2.96 -22.61
N ALA A 140 2.02 -3.26 -22.04
CA ALA A 140 1.74 -2.99 -20.62
C ALA A 140 2.68 -3.64 -19.60
N ARG A 141 2.93 -4.97 -19.68
CA ARG A 141 3.79 -5.68 -18.71
C ARG A 141 5.15 -4.98 -18.58
N ASP A 142 5.79 -4.68 -19.73
CA ASP A 142 7.14 -4.09 -19.60
C ASP A 142 7.09 -2.66 -19.09
N LEU A 143 6.11 -1.87 -19.50
CA LEU A 143 5.95 -0.54 -18.90
C LEU A 143 5.64 -0.63 -17.40
N ASP A 144 4.91 -1.67 -16.94
CA ASP A 144 4.50 -1.69 -15.53
C ASP A 144 5.54 -2.26 -14.56
N THR A 145 6.60 -2.81 -15.09
CA THR A 145 7.63 -3.33 -14.20
C THR A 145 8.93 -2.50 -14.17
N VAL A 146 8.92 -1.33 -14.79
CA VAL A 146 10.06 -0.46 -14.76
C VAL A 146 9.51 0.80 -14.08
N SER A 147 10.24 1.40 -13.13
CA SER A 147 9.73 2.67 -12.54
C SER A 147 9.73 3.81 -13.56
N PHE A 148 8.93 4.85 -13.36
CA PHE A 148 8.96 5.97 -14.29
C PHE A 148 10.35 6.64 -14.31
N LYS A 149 10.99 6.68 -13.16
CA LYS A 149 12.31 7.28 -13.15
C LYS A 149 13.28 6.42 -14.02
N GLN A 150 13.23 5.09 -13.90
CA GLN A 150 14.17 4.29 -14.65
C GLN A 150 13.82 4.39 -16.17
N TRP A 151 12.52 4.44 -16.45
CA TRP A 151 12.09 4.64 -17.85
C TRP A 151 12.61 5.97 -18.40
N LEU A 152 12.59 7.05 -17.61
CA LEU A 152 13.10 8.32 -18.10
C LEU A 152 14.60 8.22 -18.38
N ILE A 153 15.33 7.59 -17.45
CA ILE A 153 16.78 7.34 -17.62
C ILE A 153 17.02 6.55 -18.91
N ASN A 154 16.21 5.53 -19.20
CA ASN A 154 16.35 4.80 -20.46
C ASN A 154 16.08 5.60 -21.70
N GLN A 155 15.24 6.62 -21.60
CA GLN A 155 14.83 7.37 -22.77
C GLN A 155 15.80 8.51 -23.02
N SER A 156 16.40 9.10 -21.98
CA SER A 156 17.12 10.35 -22.19
C SER A 156 18.20 10.48 -21.17
N ASP A 157 19.36 11.01 -21.57
CA ASP A 157 20.50 11.21 -20.66
C ASP A 157 20.47 12.60 -20.01
N ASP A 158 19.53 13.44 -20.40
CA ASP A 158 19.46 14.86 -19.96
C ASP A 158 18.62 15.04 -18.67
N ALA A 159 19.29 15.29 -17.56
CA ALA A 159 18.64 15.26 -16.24
C ALA A 159 17.62 16.40 -16.08
N GLU A 160 17.92 17.55 -16.67
CA GLU A 160 17.00 18.68 -16.61
C GLU A 160 15.72 18.35 -17.40
N ALA A 161 15.85 17.74 -18.58
CA ALA A 161 14.67 17.43 -19.37
C ALA A 161 13.84 16.37 -18.54
N ARG A 162 14.50 15.35 -17.99
CA ARG A 162 13.84 14.31 -17.22
C ARG A 162 13.12 14.87 -16.00
N ASP A 163 13.82 15.63 -15.17
CA ASP A 163 13.15 16.27 -14.07
C ASP A 163 11.95 17.13 -14.48
N ASN A 164 12.02 17.83 -15.62
CA ASN A 164 10.93 18.62 -16.08
C ASN A 164 9.71 17.78 -16.49
N ILE A 165 9.94 16.62 -17.08
CA ILE A 165 8.80 15.76 -17.46
C ILE A 165 8.20 15.19 -16.19
N GLY A 166 9.08 14.89 -15.22
CA GLY A 166 8.66 14.38 -13.94
C GLY A 166 7.81 15.38 -13.22
N LEU A 167 8.18 16.65 -13.32
CA LEU A 167 7.39 17.71 -12.70
C LEU A 167 5.89 17.55 -13.03
N PHE A 168 5.55 17.27 -14.29
CA PHE A 168 4.16 17.21 -14.68
C PHE A 168 3.38 15.97 -14.22
N ILE A 169 4.09 14.87 -13.94
CA ILE A 169 3.42 13.63 -13.68
C ILE A 169 3.60 13.22 -12.21
N ALA A 170 4.85 13.15 -11.75
CA ALA A 170 5.15 12.77 -10.38
C ALA A 170 4.72 13.84 -9.36
N GLY A 171 5.35 15.01 -9.34
CA GLY A 171 4.90 16.04 -8.39
C GLY A 171 3.56 16.65 -8.80
N GLY A 172 3.26 16.62 -10.11
CA GLY A 172 2.13 17.43 -10.59
C GLY A 172 0.77 16.70 -10.61
N MET A 173 0.83 15.37 -10.58
CA MET A 173 -0.40 14.53 -10.64
C MET A 173 -0.46 13.44 -9.55
N LEU A 174 0.48 12.48 -9.61
CA LEU A 174 0.39 11.30 -8.79
C LEU A 174 0.85 11.60 -7.40
N THR A 175 1.59 12.71 -7.30
CA THR A 175 2.16 13.19 -6.08
C THR A 175 2.90 12.12 -5.25
N LYS A 176 3.77 11.42 -5.99
CA LYS A 176 4.62 10.36 -5.52
C LYS A 176 5.96 10.51 -6.24
N PRO A 177 7.04 10.10 -5.61
CA PRO A 177 8.27 10.34 -6.40
C PRO A 177 8.36 9.35 -7.55
N ALA A 178 9.02 9.74 -8.65
CA ALA A 178 9.05 8.96 -9.90
C ALA A 178 9.67 7.55 -9.76
N HIS A 179 10.48 7.30 -8.71
CA HIS A 179 11.03 5.95 -8.52
C HIS A 179 10.01 5.03 -7.93
N SER A 180 8.87 5.53 -7.47
CA SER A 180 7.91 4.65 -6.76
C SER A 180 6.66 4.23 -7.58
N PHE A 181 6.51 4.72 -8.81
CA PHE A 181 5.36 4.29 -9.61
C PHE A 181 5.88 3.90 -11.02
N SER A 182 5.12 3.15 -11.81
CA SER A 182 5.69 2.54 -13.04
C SER A 182 5.57 3.49 -14.23
N ALA A 183 6.31 3.27 -15.29
CA ALA A 183 6.00 3.99 -16.58
C ALA A 183 4.54 3.83 -17.02
N LEU A 184 3.98 2.62 -16.84
CA LEU A 184 2.56 2.40 -17.28
C LEU A 184 1.64 3.36 -16.53
N GLN A 185 1.92 3.61 -15.25
CA GLN A 185 1.05 4.50 -14.46
C GLN A 185 1.17 5.91 -14.97
N ALA A 186 2.39 6.33 -15.39
CA ALA A 186 2.51 7.62 -16.08
C ALA A 186 1.68 7.71 -17.34
N VAL A 187 1.69 6.63 -18.14
CA VAL A 187 0.96 6.57 -19.38
C VAL A 187 -0.56 6.66 -19.12
N LEU A 188 -1.02 5.93 -18.10
CA LEU A 188 -2.44 6.05 -17.61
C LEU A 188 -2.78 7.50 -17.30
N MET A 189 -1.97 8.17 -16.53
CA MET A 189 -2.32 9.51 -16.09
C MET A 189 -2.50 10.42 -17.35
N ALA A 190 -1.54 10.33 -18.25
CA ALA A 190 -1.63 10.99 -19.54
C ALA A 190 -2.85 10.59 -20.38
N ALA A 191 -3.14 9.27 -20.48
CA ALA A 191 -4.27 8.88 -21.34
C ALA A 191 -5.56 9.43 -20.75
N SER A 192 -5.66 9.43 -19.40
CA SER A 192 -6.85 9.86 -18.69
C SER A 192 -7.19 11.32 -18.86
N ALA A 193 -6.19 12.13 -19.15
CA ALA A 193 -6.44 13.56 -19.33
C ALA A 193 -6.59 13.94 -20.84
N GLY A 194 -6.49 12.98 -21.75
CA GLY A 194 -6.64 13.23 -23.21
C GLY A 194 -5.30 13.14 -23.93
N SER A 195 -4.19 13.26 -23.19
CA SER A 195 -2.84 13.15 -23.74
C SER A 195 -1.83 13.66 -22.69
N PHE A 196 -0.55 13.36 -22.89
CA PHE A 196 0.48 13.98 -22.07
C PHE A 196 0.61 15.47 -22.33
N SER A 197 0.54 15.91 -23.58
CA SER A 197 0.63 17.36 -23.84
C SER A 197 -0.44 18.15 -23.04
N HIS A 198 -1.61 17.57 -22.80
CA HIS A 198 -2.64 18.24 -22.03
C HIS A 198 -2.22 18.51 -20.62
N LEU A 199 -1.42 17.62 -20.06
CA LEU A 199 -0.92 17.78 -18.69
C LEU A 199 0.28 18.77 -18.64
N VAL A 200 0.95 19.00 -19.77
CA VAL A 200 2.13 19.88 -19.83
C VAL A 200 1.64 21.34 -19.93
N ASP A 201 0.43 21.51 -20.47
CA ASP A 201 -0.09 22.83 -20.68
C ASP A 201 -1.06 23.27 -19.60
N GLU A 202 -0.58 24.08 -18.66
CA GLU A 202 -1.40 24.56 -17.55
C GLU A 202 -2.65 25.34 -18.03
N ASP A 203 -2.62 25.84 -19.26
CA ASP A 203 -3.80 26.47 -19.83
C ASP A 203 -4.83 25.46 -20.26
N PHE A 204 -4.45 24.19 -20.39
CA PHE A 204 -5.46 23.15 -20.61
C PHE A 204 -5.84 22.54 -19.27
N ILE A 205 -4.93 21.84 -18.60
CA ILE A 205 -5.28 21.14 -17.37
C ILE A 205 -5.77 22.05 -16.23
N LEU A 206 -5.23 23.25 -16.16
CA LEU A 206 -5.65 24.19 -15.15
C LEU A 206 -6.41 25.40 -15.76
N ASP A 207 -7.32 25.13 -16.67
CA ASP A 207 -7.97 26.18 -17.43
C ASP A 207 -9.01 27.00 -16.64
N LYS A 208 -10.01 26.31 -16.09
CA LYS A 208 -11.13 26.98 -15.43
C LYS A 208 -11.40 26.57 -13.97
N ARG A 209 -12.10 27.47 -13.26
CA ARG A 209 -12.60 27.20 -11.94
C ARG A 209 -14.12 27.42 -12.00
N VAL A 210 -14.81 26.99 -10.93
CA VAL A 210 -16.24 27.13 -10.79
C VAL A 210 -16.61 28.39 -9.96
N ILE A 211 -17.48 29.20 -10.53
CA ILE A 211 -17.97 30.38 -9.82
C ILE A 211 -18.80 29.96 -8.63
N GLY A 212 -18.37 30.36 -7.45
CA GLY A 212 -18.89 29.82 -6.19
C GLY A 212 -18.10 28.62 -5.62
N GLY A 213 -17.16 28.05 -6.37
CA GLY A 213 -16.27 27.02 -5.82
C GLY A 213 -16.70 25.62 -6.19
N MET A 214 -15.72 24.76 -6.44
CA MET A 214 -16.01 23.37 -6.86
C MET A 214 -16.92 22.62 -5.85
N GLN A 215 -16.83 22.96 -4.57
CA GLN A 215 -17.63 22.27 -3.57
C GLN A 215 -19.16 22.42 -3.89
N GLN A 216 -19.56 23.53 -4.54
CA GLN A 216 -20.97 23.75 -4.93
C GLN A 216 -21.52 22.55 -5.74
N VAL A 217 -20.65 21.87 -6.55
CA VAL A 217 -21.11 20.71 -7.30
C VAL A 217 -21.75 19.71 -6.34
N SER A 218 -21.04 19.37 -5.29
CA SER A 218 -21.59 18.42 -4.30
C SER A 218 -22.73 19.02 -3.50
N ILE A 219 -22.56 20.25 -3.00
CA ILE A 219 -23.61 20.92 -2.26
C ILE A 219 -24.95 20.93 -3.01
N ARG A 220 -24.96 21.27 -4.27
CA ARG A 220 -26.21 21.31 -5.00
C ARG A 220 -26.82 19.94 -5.21
N MET A 221 -26.01 18.97 -5.59
CA MET A 221 -26.48 17.62 -5.70
C MET A 221 -27.09 17.17 -4.40
N ALA A 222 -26.49 17.58 -3.27
CA ALA A 222 -26.92 16.97 -2.00
C ALA A 222 -28.19 17.68 -1.57
N GLU A 223 -28.25 18.98 -1.82
CA GLU A 223 -29.50 19.69 -1.59
C GLU A 223 -30.73 19.05 -2.26
N ALA A 224 -30.62 18.69 -3.55
CA ALA A 224 -31.73 18.11 -4.23
C ALA A 224 -32.15 16.77 -3.59
N LEU A 225 -31.24 16.08 -2.90
CA LEU A 225 -31.56 14.81 -2.29
C LEU A 225 -32.28 14.94 -0.92
N GLY A 226 -32.20 16.13 -0.35
CA GLY A 226 -32.89 16.38 0.93
C GLY A 226 -32.55 15.39 2.02
N ASP A 227 -33.58 14.79 2.63
CA ASP A 227 -33.39 13.97 3.80
C ASP A 227 -32.75 12.61 3.54
N ASP A 228 -32.52 12.26 2.29
CA ASP A 228 -31.79 11.03 2.03
C ASP A 228 -30.22 11.21 2.20
N VAL A 229 -29.70 12.42 2.45
CA VAL A 229 -28.29 12.55 2.84
C VAL A 229 -28.17 12.44 4.34
N PHE A 230 -27.34 11.55 4.87
CA PHE A 230 -27.03 11.53 6.32
C PHE A 230 -25.58 12.00 6.62
N LEU A 231 -25.42 13.08 7.38
CA LEU A 231 -24.11 13.60 7.71
C LEU A 231 -23.72 13.15 9.11
N ASN A 232 -22.44 13.36 9.46
CA ASN A 232 -21.90 12.86 10.71
C ASN A 232 -22.21 11.40 10.99
N ALA A 233 -22.10 10.55 9.97
CA ALA A 233 -22.49 9.15 10.04
C ALA A 233 -21.45 8.21 9.39
N PRO A 234 -20.25 8.10 10.00
CA PRO A 234 -19.29 7.10 9.46
C PRO A 234 -19.95 5.72 9.35
N VAL A 235 -19.92 5.08 8.17
CA VAL A 235 -20.26 3.66 8.00
C VAL A 235 -19.22 2.77 8.64
N ARG A 236 -19.65 1.73 9.36
CA ARG A 236 -18.77 0.86 10.17
C ARG A 236 -18.89 -0.56 9.68
N THR A 237 -20.04 -0.90 9.12
CA THR A 237 -20.26 -2.29 8.75
C THR A 237 -21.11 -2.42 7.53
N VAL A 238 -20.79 -3.43 6.71
CA VAL A 238 -21.67 -3.85 5.62
C VAL A 238 -21.88 -5.35 5.71
N LYS A 239 -23.13 -5.82 5.97
CA LYS A 239 -23.40 -7.25 6.00
C LYS A 239 -24.10 -7.60 4.70
N TRP A 240 -23.67 -8.64 4.01
CA TRP A 240 -24.20 -8.76 2.66
C TRP A 240 -24.36 -10.21 2.28
N ASN A 241 -25.21 -10.43 1.29
CA ASN A 241 -25.31 -11.71 0.61
C ASN A 241 -25.66 -11.47 -0.86
N GLU A 242 -26.01 -12.53 -1.59
CA GLU A 242 -26.20 -12.36 -3.04
C GLU A 242 -27.28 -11.38 -3.38
N SER A 243 -28.29 -11.25 -2.52
CA SER A 243 -29.47 -10.48 -2.92
C SER A 243 -29.61 -9.08 -2.29
N GLY A 244 -28.58 -8.56 -1.58
CA GLY A 244 -28.80 -7.44 -0.65
C GLY A 244 -27.67 -7.13 0.26
N ALA A 245 -27.81 -5.98 0.92
CA ALA A 245 -26.90 -5.56 1.97
C ALA A 245 -27.60 -4.80 3.13
N THR A 246 -27.01 -4.85 4.32
CA THR A 246 -27.34 -3.92 5.43
C THR A 246 -26.07 -3.11 5.75
N VAL A 247 -26.21 -1.80 5.79
CA VAL A 247 -25.15 -0.86 6.01
C VAL A 247 -25.40 -0.22 7.34
N LEU A 248 -24.41 -0.26 8.23
CA LEU A 248 -24.56 0.28 9.60
C LEU A 248 -23.60 1.42 9.79
N ALA A 249 -24.13 2.56 10.24
CA ALA A 249 -23.32 3.76 10.51
C ALA A 249 -23.57 4.27 11.93
N ASP A 250 -22.65 5.10 12.43
CA ASP A 250 -22.82 5.81 13.73
C ASP A 250 -24.14 6.56 13.81
N GLY A 251 -24.71 6.57 15.03
CA GLY A 251 -26.01 7.20 15.28
C GLY A 251 -27.13 6.17 15.08
N ASP A 252 -26.77 4.90 15.03
CA ASP A 252 -27.74 3.81 14.95
C ASP A 252 -28.48 3.87 13.63
N ILE A 253 -27.78 4.25 12.59
CA ILE A 253 -28.31 4.16 11.24
C ILE A 253 -28.15 2.76 10.68
N ARG A 254 -29.24 2.24 10.13
CA ARG A 254 -29.27 0.89 9.57
C ARG A 254 -30.02 1.03 8.25
N VAL A 255 -29.36 0.74 7.11
CA VAL A 255 -29.98 0.86 5.77
C VAL A 255 -29.96 -0.53 5.12
N GLU A 256 -31.14 -1.01 4.77
CA GLU A 256 -31.29 -2.29 4.12
C GLU A 256 -31.50 -1.97 2.66
N ALA A 257 -30.67 -2.54 1.78
CA ALA A 257 -30.72 -2.16 0.36
C ALA A 257 -30.45 -3.32 -0.56
N SER A 258 -30.75 -3.18 -1.85
CA SER A 258 -30.38 -4.22 -2.81
C SER A 258 -28.94 -4.11 -3.22
N ARG A 259 -28.39 -2.89 -3.33
CA ARG A 259 -26.99 -2.66 -3.76
C ARG A 259 -26.38 -1.62 -2.85
N VAL A 260 -25.06 -1.70 -2.70
CA VAL A 260 -24.26 -0.73 -1.94
C VAL A 260 -23.22 -0.20 -2.92
N ILE A 261 -23.01 1.10 -2.92
CA ILE A 261 -21.86 1.70 -3.62
C ILE A 261 -20.84 2.25 -2.59
N LEU A 262 -19.62 1.71 -2.55
CA LEU A 262 -18.52 2.35 -1.78
C LEU A 262 -17.90 3.48 -2.57
N ALA A 263 -18.28 4.71 -2.24
CA ALA A 263 -17.90 5.85 -3.03
C ALA A 263 -16.82 6.54 -2.20
N VAL A 264 -15.79 5.77 -1.84
CA VAL A 264 -14.69 6.28 -0.98
C VAL A 264 -13.37 5.95 -1.66
N PRO A 265 -12.28 6.68 -1.33
CA PRO A 265 -11.02 6.31 -1.98
C PRO A 265 -10.56 4.97 -1.43
N PRO A 266 -9.79 4.22 -2.21
CA PRO A 266 -9.61 2.78 -1.94
C PRO A 266 -8.75 2.48 -0.76
N ASN A 267 -7.98 3.47 -0.29
CA ASN A 267 -7.19 3.25 0.93
C ASN A 267 -8.07 3.24 2.13
N LEU A 268 -9.33 3.66 2.00
CA LEU A 268 -10.27 3.66 3.14
C LEU A 268 -11.24 2.48 3.11
N TYR A 269 -11.25 1.62 2.08
CA TYR A 269 -12.21 0.48 2.08
C TYR A 269 -12.15 -0.35 3.38
N SER A 270 -10.95 -0.55 3.91
CA SER A 270 -10.85 -1.42 5.08
C SER A 270 -11.11 -0.65 6.40
N ARG A 271 -11.54 0.61 6.34
CA ARG A 271 -12.11 1.20 7.54
C ARG A 271 -13.48 0.53 7.88
N ILE A 272 -14.06 -0.17 6.92
CA ILE A 272 -15.34 -0.84 7.12
C ILE A 272 -15.19 -2.34 7.36
N SER A 273 -16.00 -2.96 8.23
CA SER A 273 -16.05 -4.40 8.34
C SER A 273 -17.08 -4.97 7.35
N TYR A 274 -16.67 -5.98 6.59
CA TYR A 274 -17.57 -6.68 5.72
C TYR A 274 -17.84 -8.05 6.37
N ASP A 275 -19.13 -8.44 6.28
CA ASP A 275 -19.62 -9.65 6.88
C ASP A 275 -20.54 -10.34 5.86
N PRO A 276 -20.07 -11.40 5.20
CA PRO A 276 -18.76 -12.08 5.34
C PRO A 276 -17.62 -11.20 4.73
N PRO A 277 -16.34 -11.53 5.03
CA PRO A 277 -15.22 -10.69 4.47
C PRO A 277 -15.20 -10.59 2.92
N LEU A 278 -14.57 -9.55 2.37
CA LEU A 278 -14.36 -9.50 0.94
C LEU A 278 -13.45 -10.67 0.56
N PRO A 279 -13.50 -11.11 -0.71
CA PRO A 279 -12.61 -12.20 -1.11
C PRO A 279 -11.13 -11.76 -1.10
N ARG A 280 -10.30 -12.77 -1.15
CA ARG A 280 -8.88 -12.64 -1.15
C ARG A 280 -8.39 -11.54 -2.15
N ARG A 281 -8.96 -11.49 -3.36
CA ARG A 281 -8.42 -10.64 -4.40
C ARG A 281 -8.58 -9.18 -3.99
N GLN A 282 -9.73 -8.83 -3.42
CA GLN A 282 -9.92 -7.52 -2.82
C GLN A 282 -9.00 -7.30 -1.57
N HIS A 283 -8.88 -8.32 -0.72
CA HIS A 283 -8.02 -8.16 0.46
C HIS A 283 -6.62 -7.72 0.05
N GLN A 284 -6.10 -8.36 -1.02
CA GLN A 284 -4.76 -8.08 -1.53
C GLN A 284 -4.69 -6.76 -2.29
N MET A 285 -5.55 -6.57 -3.27
CA MET A 285 -5.51 -5.38 -4.10
C MET A 285 -5.59 -4.12 -3.28
N HIS A 286 -6.45 -4.10 -2.26
CA HIS A 286 -6.70 -2.88 -1.52
C HIS A 286 -5.48 -2.46 -0.74
N GLN A 287 -4.62 -3.41 -0.36
CA GLN A 287 -3.34 -3.11 0.32
C GLN A 287 -2.35 -2.44 -0.60
N HIS A 288 -2.53 -2.58 -1.91
CA HIS A 288 -1.57 -1.98 -2.84
C HIS A 288 -1.95 -0.61 -3.40
N GLN A 289 -2.95 0.02 -2.81
CA GLN A 289 -3.43 1.33 -3.25
C GLN A 289 -3.01 2.35 -2.20
N SER A 290 -2.47 3.49 -2.60
CA SER A 290 -2.17 4.56 -1.63
C SER A 290 -2.29 5.91 -2.27
N LEU A 291 -2.69 6.86 -1.44
CA LEU A 291 -2.71 8.29 -1.82
C LEU A 291 -1.30 8.85 -1.87
N GLY A 292 -1.08 9.82 -2.75
CA GLY A 292 0.20 10.55 -2.78
C GLY A 292 0.14 11.58 -1.65
N LEU A 293 1.02 12.57 -1.67
CA LEU A 293 1.00 13.64 -0.67
C LEU A 293 1.47 14.94 -1.35
N VAL A 294 0.76 16.05 -1.16
CA VAL A 294 1.16 17.38 -1.68
C VAL A 294 0.57 18.41 -0.70
N ILE A 295 1.31 19.47 -0.41
CA ILE A 295 0.82 20.61 0.34
C ILE A 295 0.28 21.62 -0.69
N LYS A 296 -1.02 21.89 -0.67
CA LYS A 296 -1.60 22.98 -1.45
C LYS A 296 -1.44 24.24 -0.58
N VAL A 297 -0.56 25.14 -1.01
CA VAL A 297 -0.26 26.38 -0.31
C VAL A 297 -1.10 27.56 -0.87
N HIS A 298 -1.62 28.40 0.01
CA HIS A 298 -2.44 29.54 -0.39
C HIS A 298 -1.84 30.79 0.22
N ALA A 299 -1.67 31.84 -0.56
CA ALA A 299 -1.14 33.10 -0.03
C ALA A 299 -1.99 34.23 -0.61
N VAL A 300 -2.55 35.06 0.25
CA VAL A 300 -3.51 36.15 -0.13
C VAL A 300 -2.82 37.54 0.05
N TYR A 301 -2.88 38.40 -0.95
CA TYR A 301 -2.22 39.72 -0.84
C TYR A 301 -3.24 40.78 -1.17
N GLU A 302 -2.90 42.02 -0.82
CA GLU A 302 -3.85 43.07 -0.90
C GLU A 302 -4.19 43.27 -2.36
N THR A 303 -3.26 43.06 -3.28
CA THR A 303 -3.62 43.08 -4.74
C THR A 303 -2.94 41.92 -5.42
N PRO A 304 -3.31 41.57 -6.67
CA PRO A 304 -2.41 40.61 -7.33
C PRO A 304 -1.14 41.32 -7.81
N PHE A 305 -0.23 41.59 -6.87
CA PHE A 305 0.94 42.39 -7.19
C PHE A 305 1.77 41.92 -8.38
N TRP A 306 1.77 40.61 -8.71
CA TRP A 306 2.59 40.14 -9.80
C TRP A 306 2.12 40.68 -11.15
N ARG A 307 0.81 40.93 -11.26
CA ARG A 307 0.26 41.40 -12.52
C ARG A 307 0.78 42.82 -12.81
N GLU A 308 1.05 43.60 -11.75
CA GLU A 308 1.70 44.94 -11.89
C GLU A 308 3.14 44.86 -12.44
N ASP A 309 3.84 43.73 -12.23
CA ASP A 309 5.15 43.53 -12.87
C ASP A 309 5.06 42.77 -14.19
N GLY A 310 3.87 42.66 -14.79
CA GLY A 310 3.66 41.94 -16.06
C GLY A 310 3.77 40.41 -15.98
N LEU A 311 3.69 39.85 -14.75
CA LEU A 311 3.77 38.39 -14.58
C LEU A 311 2.38 37.74 -14.58
N SER A 312 2.27 36.56 -15.17
CA SER A 312 1.01 35.77 -15.07
C SER A 312 0.72 35.17 -13.72
N GLY A 313 1.71 35.01 -12.88
CA GLY A 313 1.50 34.32 -11.61
C GLY A 313 1.96 32.88 -11.74
N THR A 314 2.22 32.42 -12.97
CA THR A 314 2.64 31.04 -13.22
C THR A 314 4.15 30.90 -13.07
N GLY A 315 4.55 29.86 -12.32
CA GLY A 315 5.94 29.55 -12.10
C GLY A 315 6.20 28.06 -12.01
N PHE A 316 7.30 27.60 -12.62
CA PHE A 316 7.73 26.15 -12.62
C PHE A 316 9.22 26.05 -12.32
N GLY A 317 9.58 25.08 -11.48
CA GLY A 317 10.99 24.81 -11.22
C GLY A 317 11.10 23.45 -10.52
N ALA A 318 11.62 22.47 -11.24
CA ALA A 318 11.61 21.07 -10.77
C ALA A 318 12.52 20.91 -9.55
N SER A 319 13.51 21.81 -9.39
CA SER A 319 14.38 21.76 -8.23
C SER A 319 14.02 22.64 -7.10
N GLU A 320 12.96 23.44 -7.17
CA GLU A 320 12.61 24.26 -6.04
C GLU A 320 11.85 23.43 -5.02
N VAL A 321 11.84 23.78 -3.70
CA VAL A 321 10.84 23.14 -2.81
C VAL A 321 9.38 23.30 -3.32
N VAL A 322 9.03 24.47 -3.81
CA VAL A 322 7.74 24.70 -4.37
C VAL A 322 7.94 24.51 -5.83
N GLN A 323 7.36 23.44 -6.41
CA GLN A 323 7.68 23.15 -7.81
C GLN A 323 6.75 23.90 -8.80
N GLU A 324 5.64 24.42 -8.28
CA GLU A 324 4.67 25.12 -9.11
C GLU A 324 4.00 26.20 -8.27
N VAL A 325 3.72 27.33 -8.94
CA VAL A 325 2.93 28.44 -8.36
C VAL A 325 2.02 28.99 -9.48
N TYR A 326 0.77 29.35 -9.13
CA TYR A 326 -0.20 29.81 -10.15
C TYR A 326 -1.05 30.96 -9.61
N ASP A 327 -1.57 31.82 -10.50
CA ASP A 327 -2.55 32.82 -10.02
C ASP A 327 -3.84 32.07 -9.64
N ASN A 328 -4.31 32.24 -8.40
CA ASN A 328 -5.53 31.59 -7.97
C ASN A 328 -6.55 32.63 -7.40
N THR A 329 -6.50 33.86 -7.90
CA THR A 329 -7.37 34.95 -7.46
C THR A 329 -8.85 34.57 -7.62
N ASN A 330 -9.63 34.66 -6.53
CA ASN A 330 -11.10 34.38 -6.57
C ASN A 330 -11.84 35.26 -7.62
N HIS A 331 -12.97 34.77 -8.14
CA HIS A 331 -13.71 35.42 -9.23
C HIS A 331 -14.21 36.72 -8.68
N GLU A 332 -13.87 37.83 -9.36
CA GLU A 332 -14.12 39.24 -8.93
C GLU A 332 -13.63 39.69 -7.54
N ASP A 333 -12.63 39.04 -6.99
CA ASP A 333 -12.00 39.56 -5.78
C ASP A 333 -10.98 40.60 -6.25
N ASP A 334 -10.76 41.64 -5.46
CA ASP A 334 -9.70 42.57 -5.80
C ASP A 334 -8.37 42.12 -5.19
N ARG A 335 -8.47 41.34 -4.11
CA ARG A 335 -7.26 40.75 -3.46
C ARG A 335 -6.63 39.68 -4.36
N GLY A 336 -5.32 39.59 -4.43
CA GLY A 336 -4.73 38.52 -5.19
C GLY A 336 -4.50 37.31 -4.30
N THR A 337 -4.72 36.13 -4.87
CA THR A 337 -4.37 34.85 -4.17
C THR A 337 -3.51 33.99 -5.05
N LEU A 338 -2.42 33.52 -4.48
CA LEU A 338 -1.57 32.54 -5.13
C LEU A 338 -1.94 31.15 -4.66
N VAL A 339 -1.77 30.18 -5.57
CA VAL A 339 -1.73 28.79 -5.18
C VAL A 339 -0.36 28.18 -5.55
N ALA A 340 0.17 27.32 -4.67
CA ALA A 340 1.46 26.70 -4.92
C ALA A 340 1.47 25.25 -4.39
N PHE A 341 2.37 24.41 -4.90
CA PHE A 341 2.39 22.99 -4.51
C PHE A 341 3.76 22.46 -4.10
N VAL A 342 3.78 21.76 -2.98
CA VAL A 342 5.01 21.09 -2.47
C VAL A 342 4.69 19.60 -2.46
N SER A 343 5.39 18.82 -3.27
CA SER A 343 4.93 17.42 -3.53
C SER A 343 5.77 16.32 -2.87
N ASP A 344 5.10 15.23 -2.50
CA ASP A 344 5.73 13.98 -2.02
C ASP A 344 6.87 14.16 -1.03
N GLU A 345 8.07 13.67 -1.33
CA GLU A 345 9.13 13.71 -0.32
C GLU A 345 9.49 15.15 0.10
N LYS A 346 9.34 16.13 -0.81
CA LYS A 346 9.44 17.55 -0.43
C LYS A 346 8.35 17.94 0.58
N ALA A 347 7.13 17.41 0.45
CA ALA A 347 6.10 17.67 1.47
C ALA A 347 6.52 17.06 2.82
N ASP A 348 7.02 15.81 2.80
CA ASP A 348 7.43 15.14 4.06
C ASP A 348 8.47 16.00 4.75
N ALA A 349 9.43 16.53 3.95
CA ALA A 349 10.51 17.33 4.52
C ALA A 349 9.93 18.66 5.06
N MET A 350 9.04 19.33 4.33
CA MET A 350 8.43 20.54 4.98
C MET A 350 7.65 20.26 6.29
N PHE A 351 6.98 19.13 6.36
CA PHE A 351 6.18 18.83 7.50
C PHE A 351 7.05 18.53 8.72
N GLU A 352 8.31 18.17 8.47
CA GLU A 352 9.25 17.88 9.54
C GLU A 352 9.77 19.18 10.21
N LEU A 353 9.73 20.34 9.52
CA LEU A 353 10.10 21.62 10.13
C LEU A 353 8.93 22.09 10.99
N SER A 354 9.19 23.08 11.85
CA SER A 354 8.09 23.69 12.59
C SER A 354 7.23 24.50 11.58
N ALA A 355 6.02 24.84 12.01
CA ALA A 355 5.11 25.57 11.18
C ALA A 355 5.74 26.91 10.70
N GLU A 356 6.40 27.60 11.60
CA GLU A 356 7.06 28.89 11.30
C GLU A 356 8.19 28.73 10.26
N GLU A 357 9.00 27.71 10.44
CA GLU A 357 10.11 27.51 9.51
C GLU A 357 9.65 26.99 8.11
N ARG A 358 8.60 26.19 8.10
CA ARG A 358 8.06 25.67 6.86
C ARG A 358 7.49 26.84 6.08
N LYS A 359 6.71 27.68 6.76
CA LYS A 359 6.12 28.87 6.11
C LYS A 359 7.21 29.77 5.54
N ALA A 360 8.23 30.09 6.33
CA ALA A 360 9.32 30.94 5.80
C ALA A 360 10.02 30.29 4.60
N THR A 361 10.20 28.96 4.64
CA THR A 361 10.88 28.27 3.54
C THR A 361 10.05 28.29 2.24
N ILE A 362 8.78 27.95 2.37
CA ILE A 362 7.83 28.06 1.30
C ILE A 362 7.72 29.47 0.70
N LEU A 363 7.54 30.48 1.54
CA LEU A 363 7.46 31.89 1.06
C LEU A 363 8.78 32.34 0.47
N ALA A 364 9.92 31.88 1.02
CA ALA A 364 11.23 32.15 0.32
C ALA A 364 11.21 31.61 -1.14
N SER A 365 10.65 30.41 -1.31
CA SER A 365 10.62 29.84 -2.62
C SER A 365 9.61 30.66 -3.44
N LEU A 366 8.43 30.94 -2.90
CA LEU A 366 7.53 31.80 -3.70
C LEU A 366 8.23 33.11 -4.14
N ALA A 367 9.07 33.67 -3.27
CA ALA A 367 9.72 34.99 -3.55
C ALA A 367 10.69 34.91 -4.74
N ARG A 368 11.30 33.75 -4.92
CA ARG A 368 12.21 33.52 -6.00
C ARG A 368 11.52 33.51 -7.35
N TYR A 369 10.29 33.05 -7.38
CA TYR A 369 9.54 33.08 -8.62
C TYR A 369 9.02 34.49 -8.87
N LEU A 370 8.39 35.12 -7.88
CA LEU A 370 7.60 36.34 -8.09
C LEU A 370 8.12 37.64 -7.42
N GLY A 371 9.19 37.59 -6.65
CA GLY A 371 9.65 38.84 -6.12
C GLY A 371 9.33 38.90 -4.65
N PRO A 372 10.05 39.80 -3.93
CA PRO A 372 10.02 39.92 -2.47
C PRO A 372 8.64 40.21 -1.86
N LYS A 373 7.71 40.76 -2.66
CA LYS A 373 6.33 40.94 -2.17
C LYS A 373 5.62 39.63 -1.79
N ALA A 374 5.96 38.54 -2.48
CA ALA A 374 5.42 37.23 -2.15
C ALA A 374 5.69 36.84 -0.69
N GLU A 375 6.68 37.41 -0.04
CA GLU A 375 7.00 37.04 1.34
C GLU A 375 6.19 37.75 2.44
N GLU A 376 5.28 38.66 2.08
CA GLU A 376 4.45 39.36 3.07
C GLU A 376 2.95 39.15 2.78
N PRO A 377 2.47 37.89 2.75
CA PRO A 377 1.01 37.75 2.51
C PRO A 377 0.14 38.24 3.69
N VAL A 378 -1.10 38.63 3.40
CA VAL A 378 -1.98 38.99 4.53
C VAL A 378 -2.57 37.74 5.16
N VAL A 379 -2.90 36.77 4.31
CA VAL A 379 -3.32 35.44 4.82
C VAL A 379 -2.43 34.36 4.15
N TYR A 380 -1.96 33.42 5.00
CA TYR A 380 -1.20 32.24 4.60
C TYR A 380 -1.91 30.98 5.13
N TYR A 381 -2.15 30.01 4.23
CA TYR A 381 -2.72 28.71 4.67
C TYR A 381 -2.16 27.51 3.94
N GLU A 382 -2.01 26.38 4.63
CA GLU A 382 -1.59 25.10 3.98
C GLU A 382 -2.76 24.10 4.10
N SER A 383 -3.31 23.69 2.99
CA SER A 383 -4.21 22.47 3.00
C SER A 383 -3.51 21.26 3.57
N ASP A 384 -4.13 20.57 4.52
CA ASP A 384 -3.50 19.43 5.18
C ASP A 384 -4.39 18.19 5.03
N TRP A 385 -4.46 17.60 3.83
CA TRP A 385 -5.34 16.43 3.66
C TRP A 385 -4.80 15.17 4.31
N GLY A 386 -3.48 15.11 4.53
CA GLY A 386 -2.87 13.93 5.13
C GLY A 386 -3.36 13.70 6.53
N SER A 387 -3.62 14.79 7.24
CA SER A 387 -4.11 14.67 8.62
C SER A 387 -5.59 14.26 8.69
N GLU A 388 -6.38 14.47 7.62
CA GLU A 388 -7.84 14.10 7.67
C GLU A 388 -8.09 12.59 7.63
N GLU A 389 -8.69 12.02 8.67
CA GLU A 389 -8.86 10.60 8.69
C GLU A 389 -9.72 10.09 7.57
N TRP A 390 -10.57 10.94 6.99
CA TRP A 390 -11.48 10.48 5.92
C TRP A 390 -10.94 10.83 4.51
N THR A 391 -9.69 11.29 4.43
CA THR A 391 -9.00 11.30 3.15
C THR A 391 -7.61 10.64 3.29
N ARG A 392 -6.70 11.28 4.01
CA ARG A 392 -5.31 10.81 4.40
C ARG A 392 -4.23 11.01 3.29
N GLY A 393 -4.46 11.96 2.37
CA GLY A 393 -3.43 12.27 1.39
C GLY A 393 -4.01 13.06 0.28
N ALA A 394 -3.21 13.41 -0.75
CA ALA A 394 -3.71 14.27 -1.83
C ALA A 394 -2.74 14.06 -2.96
N TYR A 395 -3.19 14.09 -4.24
CA TYR A 395 -4.58 14.29 -4.63
C TYR A 395 -5.39 13.02 -4.54
N ALA A 396 -4.78 11.89 -4.86
CA ALA A 396 -5.61 10.74 -5.09
C ALA A 396 -4.79 9.43 -5.03
N ALA A 397 -5.46 8.29 -5.10
CA ALA A 397 -4.76 7.05 -4.93
C ALA A 397 -4.26 6.46 -6.26
N SER A 398 -3.16 5.71 -6.19
CA SER A 398 -2.61 4.96 -7.34
C SER A 398 -1.97 3.71 -6.75
N PHE A 399 -1.72 2.72 -7.58
CA PHE A 399 -1.09 1.48 -7.18
C PHE A 399 0.37 1.73 -6.79
N ASP A 400 0.97 0.88 -5.99
CA ASP A 400 2.42 0.86 -5.88
C ASP A 400 2.99 0.19 -7.16
N LEU A 401 4.29 0.05 -7.27
CA LEU A 401 4.88 -0.24 -8.53
C LEU A 401 4.60 -1.71 -8.83
N GLY A 402 4.02 -1.97 -9.97
CA GLY A 402 3.59 -3.33 -10.27
C GLY A 402 2.09 -3.60 -10.08
N GLY A 403 1.42 -2.77 -9.27
CA GLY A 403 0.02 -3.01 -8.99
C GLY A 403 -0.91 -2.73 -10.15
N LEU A 404 -0.56 -1.83 -11.03
CA LEU A 404 -1.52 -1.47 -12.07
C LEU A 404 -1.75 -2.69 -13.02
N HIS A 405 -0.69 -3.36 -13.44
CA HIS A 405 -0.85 -4.55 -14.29
C HIS A 405 -1.46 -5.70 -13.47
N ARG A 406 -1.04 -5.86 -12.23
CA ARG A 406 -1.43 -7.05 -11.51
C ARG A 406 -2.93 -7.02 -11.10
N TYR A 407 -3.42 -5.83 -10.77
CA TYR A 407 -4.78 -5.64 -10.16
C TYR A 407 -5.77 -4.78 -10.91
N GLY A 408 -5.30 -4.05 -11.91
CA GLY A 408 -6.15 -3.06 -12.65
C GLY A 408 -7.52 -3.57 -13.12
N ALA A 409 -7.49 -4.76 -13.73
CA ALA A 409 -8.67 -5.43 -14.24
C ALA A 409 -9.68 -5.72 -13.14
N ASP A 410 -9.23 -5.79 -11.87
CA ASP A 410 -10.16 -6.01 -10.79
C ASP A 410 -10.66 -4.76 -10.05
N SER A 411 -10.11 -3.60 -10.35
CA SER A 411 -10.40 -2.40 -9.52
C SER A 411 -11.83 -1.85 -9.56
N ARG A 412 -12.55 -2.16 -10.61
CA ARG A 412 -13.97 -1.79 -10.70
C ARG A 412 -14.97 -2.94 -10.49
N THR A 413 -14.50 -4.18 -10.37
CA THR A 413 -15.43 -5.30 -10.39
C THR A 413 -16.27 -5.33 -9.09
N PRO A 414 -17.63 -5.52 -9.19
CA PRO A 414 -18.44 -5.60 -7.99
C PRO A 414 -18.16 -6.88 -7.21
N VAL A 415 -18.38 -6.82 -5.91
CA VAL A 415 -18.36 -8.05 -5.13
C VAL A 415 -19.80 -8.30 -4.72
N GLY A 416 -20.44 -9.29 -5.31
CA GLY A 416 -21.89 -9.48 -5.03
C GLY A 416 -22.64 -8.14 -5.30
N PRO A 417 -23.38 -7.65 -4.32
CA PRO A 417 -24.16 -6.39 -4.47
C PRO A 417 -23.32 -5.12 -4.15
N ILE A 418 -22.05 -5.28 -3.80
CA ILE A 418 -21.15 -4.13 -3.46
C ILE A 418 -20.40 -3.68 -4.71
N HIS A 419 -20.64 -2.42 -5.08
CA HIS A 419 -19.98 -1.73 -6.19
C HIS A 419 -18.99 -0.69 -5.59
N PHE A 420 -18.03 -0.23 -6.45
CA PHE A 420 -16.91 0.66 -6.07
C PHE A 420 -16.93 1.86 -7.00
N SER A 421 -16.99 3.07 -6.47
CA SER A 421 -17.04 4.22 -7.35
C SER A 421 -16.31 5.45 -6.72
N CYS A 422 -15.15 5.86 -7.26
CA CYS A 422 -14.38 7.07 -6.84
C CYS A 422 -13.49 7.52 -8.03
N SER A 423 -12.85 8.68 -7.92
CA SER A 423 -12.02 9.15 -9.00
C SER A 423 -10.77 8.32 -9.13
N ASP A 424 -10.34 7.70 -8.01
CA ASP A 424 -9.07 6.99 -7.95
C ASP A 424 -9.07 5.67 -8.74
N ILE A 425 -10.25 5.17 -9.14
CA ILE A 425 -10.35 4.04 -9.99
C ILE A 425 -10.94 4.36 -11.34
N ALA A 426 -11.07 5.65 -11.68
CA ALA A 426 -11.71 6.06 -12.94
C ALA A 426 -10.81 5.80 -14.17
N ALA A 427 -11.35 5.85 -15.37
CA ALA A 427 -10.56 5.75 -16.55
C ALA A 427 -10.33 7.24 -17.02
N GLU A 428 -11.03 7.75 -18.04
CA GLU A 428 -10.95 9.20 -18.28
C GLU A 428 -11.23 9.95 -16.99
N GLY A 429 -10.40 10.92 -16.67
CA GLY A 429 -10.69 11.80 -15.53
C GLY A 429 -10.13 11.20 -14.22
N TYR A 430 -9.45 10.09 -14.34
CA TYR A 430 -8.68 9.47 -13.25
C TYR A 430 -8.13 10.52 -12.31
N GLN A 431 -8.42 10.34 -11.03
CA GLN A 431 -7.95 11.26 -9.92
C GLN A 431 -8.62 12.61 -9.85
N HIS A 432 -9.48 12.93 -10.82
CA HIS A 432 -10.07 14.29 -10.83
C HIS A 432 -11.59 14.21 -10.60
N VAL A 433 -12.22 15.36 -10.31
CA VAL A 433 -13.65 15.46 -10.08
C VAL A 433 -14.44 14.82 -11.28
N ASP A 434 -13.92 15.04 -12.48
CA ASP A 434 -14.53 14.55 -13.69
C ASP A 434 -14.53 13.05 -13.62
N GLY A 435 -13.48 12.43 -13.08
CA GLY A 435 -13.45 10.97 -13.05
C GLY A 435 -14.41 10.48 -11.99
N ALA A 436 -14.53 11.21 -10.89
CA ALA A 436 -15.52 10.88 -9.84
C ALA A 436 -16.98 10.84 -10.41
N VAL A 437 -17.32 11.90 -11.16
CA VAL A 437 -18.63 12.00 -11.89
C VAL A 437 -18.80 10.88 -12.87
N ARG A 438 -17.78 10.62 -13.69
CA ARG A 438 -17.94 9.52 -14.62
C ARG A 438 -18.16 8.20 -13.95
N MET A 439 -17.35 7.90 -12.93
CA MET A 439 -17.49 6.60 -12.25
C MET A 439 -18.85 6.51 -11.53
N GLY A 440 -19.31 7.63 -10.96
CA GLY A 440 -20.56 7.62 -10.21
C GLY A 440 -21.69 7.29 -11.21
N GLN A 441 -21.64 7.95 -12.38
CA GLN A 441 -22.63 7.69 -13.43
C GLN A 441 -22.50 6.30 -14.05
N ARG A 442 -21.27 5.81 -14.22
CA ARG A 442 -21.05 4.46 -14.80
C ARG A 442 -21.61 3.37 -13.85
N THR A 443 -21.48 3.61 -12.54
CA THR A 443 -21.95 2.67 -11.51
C THR A 443 -23.47 2.66 -11.47
N ALA A 444 -24.06 3.85 -11.55
CA ALA A 444 -25.49 3.95 -11.54
C ALA A 444 -26.09 3.26 -12.80
N ALA A 445 -25.51 3.51 -13.96
CA ALA A 445 -25.97 2.89 -15.16
C ALA A 445 -25.94 1.35 -15.12
N ASP A 446 -24.83 0.78 -14.66
CA ASP A 446 -24.73 -0.60 -14.33
C ASP A 446 -25.89 -1.11 -13.44
N ILE A 447 -26.08 -0.47 -12.28
CA ILE A 447 -27.11 -0.91 -11.39
C ILE A 447 -28.48 -0.77 -12.08
N ILE A 448 -28.81 0.38 -12.63
CA ILE A 448 -30.01 0.57 -13.42
C ILE A 448 -30.33 -0.47 -14.52
N ALA A 449 -29.37 -0.82 -15.33
CA ALA A 449 -29.59 -1.71 -16.43
C ALA A 449 -29.94 -3.15 -16.02
N ARG A 450 -29.49 -3.52 -14.84
CA ARG A 450 -29.93 -4.68 -14.12
C ARG A 450 -28.77 -5.35 -13.49
N PRO B 2 -17.74 -6.39 29.72
CA PRO B 2 -16.99 -6.05 30.96
C PRO B 2 -16.03 -4.87 30.78
N THR B 3 -15.74 -4.15 31.87
CA THR B 3 -14.71 -3.13 31.81
C THR B 3 -13.48 -3.41 32.72
N LEU B 4 -12.28 -3.41 32.18
CA LEU B 4 -11.11 -3.63 33.04
C LEU B 4 -10.10 -2.51 33.02
N GLN B 5 -9.21 -2.50 34.03
CA GLN B 5 -8.18 -1.53 34.15
C GLN B 5 -6.87 -2.26 34.17
N ARG B 6 -5.96 -1.87 33.28
CA ARG B 6 -4.67 -2.52 33.14
C ARG B 6 -3.59 -1.51 32.88
N ASP B 7 -2.33 -1.89 33.09
CA ASP B 7 -1.29 -1.03 32.70
C ASP B 7 -1.19 -1.06 31.14
N VAL B 8 -1.31 -2.25 30.51
CA VAL B 8 -1.17 -2.33 29.05
C VAL B 8 -2.32 -3.14 28.47
N ALA B 9 -2.97 -2.58 27.46
CA ALA B 9 -3.87 -3.32 26.62
C ALA B 9 -3.09 -3.73 25.35
N ILE B 10 -3.21 -5.02 24.98
CA ILE B 10 -2.51 -5.57 23.82
C ILE B 10 -3.54 -6.08 22.81
N VAL B 11 -3.50 -5.49 21.61
CA VAL B 11 -4.38 -5.87 20.50
C VAL B 11 -3.61 -6.92 19.69
N GLY B 12 -4.12 -8.15 19.68
CA GLY B 12 -3.48 -9.23 18.92
C GLY B 12 -2.80 -10.23 19.82
N ALA B 13 -3.25 -11.48 19.75
CA ALA B 13 -2.64 -12.56 20.51
C ALA B 13 -1.88 -13.46 19.53
N GLY B 14 -1.08 -12.86 18.63
CA GLY B 14 -0.10 -13.65 17.94
C GLY B 14 1.15 -13.77 18.78
N PRO B 15 2.22 -14.38 18.22
CA PRO B 15 3.44 -14.49 19.06
C PRO B 15 3.96 -13.14 19.51
N SER B 16 3.74 -12.08 18.70
CA SER B 16 4.29 -10.78 19.09
C SER B 16 3.57 -10.19 20.30
N GLY B 17 2.25 -10.11 20.25
CA GLY B 17 1.50 -9.66 21.41
C GLY B 17 1.69 -10.52 22.66
N LEU B 18 1.81 -11.84 22.48
CA LEU B 18 1.93 -12.73 23.61
C LEU B 18 3.30 -12.60 24.26
N ALA B 19 4.34 -12.38 23.50
CA ALA B 19 5.63 -12.21 24.04
C ALA B 19 5.73 -10.89 24.79
N ALA B 20 5.07 -9.85 24.27
CA ALA B 20 5.04 -8.54 24.96
C ALA B 20 4.25 -8.67 26.27
N ALA B 21 3.07 -9.28 26.21
CA ALA B 21 2.32 -9.57 27.43
C ALA B 21 3.12 -10.33 28.50
N THR B 22 3.77 -11.42 28.11
CA THR B 22 4.56 -12.26 29.02
C THR B 22 5.68 -11.43 29.67
N ALA B 23 6.41 -10.65 28.87
CA ALA B 23 7.48 -9.82 29.43
C ALA B 23 6.94 -8.72 30.33
N LEU B 24 5.82 -8.13 29.97
CA LEU B 24 5.22 -7.13 30.85
C LEU B 24 4.81 -7.75 32.20
N ARG B 25 4.21 -8.94 32.15
CA ARG B 25 3.77 -9.62 33.37
C ARG B 25 4.91 -9.91 34.26
N LYS B 26 6.00 -10.37 33.64
CA LYS B 26 7.20 -10.74 34.37
C LYS B 26 7.72 -9.55 35.17
N ALA B 27 7.58 -8.33 34.64
CA ALA B 27 8.03 -7.13 35.31
C ALA B 27 7.03 -6.54 36.27
N GLY B 28 5.91 -7.25 36.54
CA GLY B 28 4.88 -6.77 37.47
C GLY B 28 3.82 -5.86 36.90
N LEU B 29 3.82 -5.57 35.59
CA LEU B 29 2.71 -4.74 34.99
C LEU B 29 1.52 -5.65 34.72
N SER B 30 0.32 -5.08 34.79
CA SER B 30 -0.86 -5.89 34.45
C SER B 30 -1.29 -5.62 32.99
N VAL B 31 -1.90 -6.64 32.38
CA VAL B 31 -2.15 -6.67 30.96
C VAL B 31 -3.50 -7.27 30.65
N ALA B 32 -3.98 -6.97 29.45
CA ALA B 32 -5.09 -7.69 28.84
C ALA B 32 -4.74 -7.81 27.36
N VAL B 33 -4.97 -8.99 26.80
CA VAL B 33 -4.64 -9.22 25.41
C VAL B 33 -6.00 -9.51 24.79
N ILE B 34 -6.31 -8.79 23.69
CA ILE B 34 -7.60 -8.88 23.06
C ILE B 34 -7.45 -9.36 21.64
N GLU B 35 -8.06 -10.48 21.31
CA GLU B 35 -7.79 -11.14 20.07
C GLU B 35 -9.08 -11.34 19.31
N ALA B 36 -9.03 -11.06 18.02
CA ALA B 36 -10.21 -11.22 17.15
C ALA B 36 -10.71 -12.63 16.93
N ARG B 37 -9.77 -13.57 16.77
CA ARG B 37 -10.09 -14.91 16.30
C ARG B 37 -10.51 -15.74 17.49
N ASP B 38 -10.99 -16.96 17.21
CA ASP B 38 -11.40 -17.90 18.26
C ASP B 38 -10.16 -18.68 18.77
N ARG B 39 -8.95 -18.15 18.55
CA ARG B 39 -7.72 -18.86 18.93
C ARG B 39 -6.58 -17.84 18.98
N VAL B 40 -5.45 -18.23 19.61
CA VAL B 40 -4.21 -17.41 19.60
C VAL B 40 -3.27 -17.98 18.56
N GLY B 41 -2.12 -17.30 18.35
CA GLY B 41 -1.18 -17.75 17.35
C GLY B 41 -1.11 -16.95 16.07
N GLY B 42 -2.20 -16.29 15.65
CA GLY B 42 -2.09 -15.44 14.47
C GLY B 42 -1.66 -16.23 13.23
N ARG B 43 -0.56 -15.81 12.62
CA ARG B 43 0.00 -16.50 11.46
C ARG B 43 0.68 -17.84 11.76
N THR B 44 0.67 -18.30 13.04
CA THR B 44 1.07 -19.65 13.29
C THR B 44 -0.20 -20.36 13.71
N TRP B 45 -0.34 -21.63 13.29
CA TRP B 45 -1.61 -22.35 13.45
C TRP B 45 -1.38 -23.84 13.12
N THR B 46 -1.75 -24.71 14.04
CA THR B 46 -1.67 -26.13 13.78
C THR B 46 -3.11 -26.63 13.71
N ASP B 47 -3.47 -27.34 12.65
CA ASP B 47 -4.84 -27.85 12.56
C ASP B 47 -4.79 -29.27 11.98
N THR B 48 -5.88 -30.03 12.11
CA THR B 48 -5.99 -31.37 11.54
C THR B 48 -6.91 -31.30 10.36
N ILE B 49 -6.40 -31.63 9.18
CA ILE B 49 -7.18 -31.59 7.94
C ILE B 49 -7.33 -33.03 7.39
N ASP B 50 -8.58 -33.51 7.25
CA ASP B 50 -8.85 -34.87 6.70
C ASP B 50 -7.98 -35.91 7.45
N GLY B 51 -7.90 -35.79 8.76
CA GLY B 51 -7.05 -36.73 9.49
C GLY B 51 -5.55 -36.46 9.52
N ALA B 52 -5.02 -35.43 8.86
CA ALA B 52 -3.53 -35.19 8.95
C ALA B 52 -3.24 -33.89 9.74
N VAL B 53 -2.27 -33.90 10.65
CA VAL B 53 -2.00 -32.71 11.48
C VAL B 53 -1.05 -31.89 10.63
N LEU B 54 -1.41 -30.63 10.35
CA LEU B 54 -0.58 -29.72 9.53
C LEU B 54 -0.29 -28.36 10.23
N GLU B 55 0.84 -27.76 9.88
CA GLU B 55 1.15 -26.40 10.31
C GLU B 55 0.70 -25.52 9.15
N ILE B 56 -0.35 -24.75 9.39
CA ILE B 56 -0.98 -24.01 8.31
C ILE B 56 -0.16 -22.80 7.99
N GLY B 57 0.65 -22.37 8.97
CA GLY B 57 1.48 -21.17 8.91
C GLY B 57 3.00 -21.30 9.22
N GLY B 58 3.57 -20.33 9.92
CA GLY B 58 4.96 -20.31 10.31
C GLY B 58 5.37 -21.55 11.14
N GLN B 59 6.57 -22.06 10.87
CA GLN B 59 6.98 -23.39 11.41
C GLN B 59 8.49 -23.59 11.58
N TRP B 60 9.32 -23.01 10.72
CA TRP B 60 10.77 -23.28 10.77
C TRP B 60 11.59 -22.35 11.67
N VAL B 61 12.64 -22.89 12.30
CA VAL B 61 13.54 -22.19 13.25
C VAL B 61 14.93 -22.34 12.71
N SER B 62 15.65 -21.24 12.58
CA SER B 62 17.02 -21.30 12.04
C SER B 62 17.94 -21.06 13.17
N PRO B 63 19.26 -21.28 13.00
CA PRO B 63 20.15 -21.11 14.17
C PRO B 63 20.42 -19.68 14.58
N ASP B 64 20.05 -18.69 13.78
CA ASP B 64 20.27 -17.29 14.17
C ASP B 64 19.06 -16.72 14.99
N GLN B 65 17.99 -17.49 15.04
CA GLN B 65 16.75 -17.09 15.76
C GLN B 65 16.80 -17.33 17.26
N THR B 66 17.75 -16.66 17.89
CA THR B 66 18.14 -16.89 19.27
C THR B 66 17.05 -16.48 20.27
N ALA B 67 16.25 -15.46 19.94
CA ALA B 67 15.19 -15.10 20.84
C ALA B 67 14.06 -16.17 20.84
N LEU B 68 13.73 -16.71 19.67
CA LEU B 68 12.75 -17.81 19.65
C LEU B 68 13.33 -19.07 20.36
N ILE B 69 14.62 -19.34 20.16
CA ILE B 69 15.25 -20.54 20.77
C ILE B 69 15.23 -20.49 22.32
N SER B 70 15.45 -19.33 22.92
CA SER B 70 15.35 -19.21 24.40
C SER B 70 13.93 -19.37 24.80
N LEU B 71 13.04 -18.75 24.03
CA LEU B 71 11.63 -18.83 24.43
C LEU B 71 11.12 -20.30 24.39
N LEU B 72 11.50 -21.06 23.36
CA LEU B 72 11.18 -22.49 23.27
C LEU B 72 11.67 -23.21 24.54
N ASP B 73 12.93 -22.96 24.90
CA ASP B 73 13.48 -23.58 26.09
C ASP B 73 12.72 -23.23 27.40
N GLU B 74 12.35 -21.97 27.58
CA GLU B 74 11.57 -21.50 28.68
C GLU B 74 10.20 -22.12 28.72
N LEU B 75 9.65 -22.51 27.59
CA LEU B 75 8.28 -23.06 27.59
C LEU B 75 8.25 -24.60 27.66
N GLY B 76 9.44 -25.22 27.74
CA GLY B 76 9.51 -26.70 27.71
C GLY B 76 9.26 -27.40 26.34
N LEU B 77 9.50 -26.66 25.26
CA LEU B 77 9.27 -27.13 23.89
C LEU B 77 10.61 -27.52 23.30
N LYS B 78 10.63 -28.59 22.53
CA LYS B 78 11.86 -29.09 21.89
C LYS B 78 11.76 -29.01 20.38
N THR B 79 12.93 -28.99 19.71
CA THR B 79 12.99 -28.98 18.24
C THR B 79 13.35 -30.35 17.57
N PHE B 80 13.09 -30.48 16.25
CA PHE B 80 13.63 -31.60 15.46
C PHE B 80 14.06 -31.09 14.10
N GLU B 81 15.01 -31.79 13.46
CA GLU B 81 15.53 -31.29 12.22
C GLU B 81 14.80 -31.80 10.96
N ARG B 82 14.72 -30.96 9.93
CA ARG B 82 14.07 -31.33 8.69
C ARG B 82 14.94 -32.40 8.02
N TYR B 83 14.31 -33.36 7.38
CA TYR B 83 15.04 -34.41 6.68
C TYR B 83 15.82 -33.83 5.49
N ARG B 84 17.11 -34.18 5.38
CA ARG B 84 17.96 -33.66 4.31
C ARG B 84 18.95 -34.68 3.74
N GLU B 85 18.76 -35.97 3.99
CA GLU B 85 19.67 -36.99 3.40
C GLU B 85 19.41 -37.11 1.90
N GLY B 86 20.47 -37.29 1.11
CA GLY B 86 20.28 -37.64 -0.30
C GLY B 86 20.30 -36.45 -1.25
N GLU B 87 19.74 -36.63 -2.46
CA GLU B 87 19.86 -35.59 -3.48
C GLU B 87 18.66 -34.62 -3.55
N SER B 88 18.97 -33.35 -3.79
CA SER B 88 18.03 -32.28 -4.07
C SER B 88 17.87 -32.20 -5.57
N VAL B 89 16.83 -31.53 -6.01
CA VAL B 89 16.54 -31.36 -7.43
C VAL B 89 16.54 -29.90 -7.79
N TYR B 90 17.13 -29.56 -8.95
CA TYR B 90 17.14 -28.21 -9.44
C TYR B 90 16.56 -28.16 -10.86
N ILE B 91 15.72 -27.18 -11.19
CA ILE B 91 15.20 -27.15 -12.54
C ILE B 91 15.68 -25.85 -13.13
N SER B 92 16.34 -25.90 -14.28
CA SER B 92 17.02 -24.72 -14.81
C SER B 92 16.04 -23.85 -15.59
N SER B 93 16.46 -22.64 -15.92
CA SER B 93 15.62 -21.77 -16.78
C SER B 93 15.23 -22.40 -18.11
N ALA B 94 16.16 -23.11 -18.75
CA ALA B 94 15.85 -23.89 -19.96
C ALA B 94 14.98 -25.17 -19.70
N GLY B 95 14.68 -25.49 -18.43
CA GLY B 95 13.85 -26.64 -18.14
C GLY B 95 14.57 -27.96 -18.01
N GLU B 96 15.89 -27.96 -17.86
CA GLU B 96 16.57 -29.20 -17.54
C GLU B 96 16.48 -29.52 -16.05
N ARG B 97 16.15 -30.77 -15.71
CA ARG B 97 16.02 -31.25 -14.32
C ARG B 97 17.25 -32.10 -14.01
N THR B 98 18.00 -31.69 -12.96
CA THR B 98 19.22 -32.32 -12.48
C THR B 98 19.25 -32.57 -10.98
N ARG B 99 19.53 -33.80 -10.56
CA ARG B 99 19.76 -34.14 -9.11
C ARG B 99 21.16 -33.69 -8.68
N TYR B 100 21.35 -33.20 -7.46
CA TYR B 100 22.65 -32.66 -7.00
C TYR B 100 22.69 -32.70 -5.49
N THR B 101 23.91 -32.65 -4.92
CA THR B 101 24.14 -32.41 -3.48
C THR B 101 25.17 -31.28 -3.34
N GLY B 102 25.35 -30.79 -2.11
CA GLY B 102 26.37 -29.75 -1.88
C GLY B 102 25.65 -28.43 -1.99
N ASP B 103 26.36 -27.35 -2.12
CA ASP B 103 25.54 -26.16 -1.98
C ASP B 103 25.63 -25.09 -3.03
N SER B 104 25.87 -25.56 -4.23
CA SER B 104 25.50 -24.72 -5.35
C SER B 104 24.65 -25.53 -6.30
N PHE B 105 23.77 -24.82 -6.94
CA PHE B 105 22.95 -25.37 -8.00
C PHE B 105 23.85 -25.91 -9.12
N PRO B 106 23.45 -27.01 -9.78
CA PRO B 106 24.20 -27.56 -10.88
C PRO B 106 23.97 -26.81 -12.19
N THR B 107 24.43 -25.58 -12.27
CA THR B 107 24.27 -24.83 -13.51
C THR B 107 25.59 -24.93 -14.32
N ASN B 108 25.66 -24.36 -15.51
CA ASN B 108 26.98 -24.13 -16.14
C ASN B 108 27.82 -23.22 -15.26
N GLU B 109 29.11 -23.13 -15.58
CA GLU B 109 30.09 -22.44 -14.76
C GLU B 109 30.00 -20.93 -14.70
N THR B 110 29.58 -20.30 -15.79
CA THR B 110 29.38 -18.85 -15.87
C THR B 110 28.30 -18.41 -14.86
N THR B 111 27.16 -19.12 -14.91
CA THR B 111 26.07 -18.92 -14.01
C THR B 111 26.48 -19.14 -12.57
N LYS B 112 27.16 -20.23 -12.31
CA LYS B 112 27.62 -20.53 -10.99
C LYS B 112 28.53 -19.42 -10.48
N LYS B 113 29.43 -18.90 -11.32
CA LYS B 113 30.35 -17.89 -10.80
C LYS B 113 29.61 -16.54 -10.60
N GLU B 114 28.72 -16.17 -11.53
CA GLU B 114 27.80 -15.07 -11.31
C GLU B 114 27.03 -15.19 -9.98
N MET B 115 26.45 -16.35 -9.68
CA MET B 115 25.68 -16.49 -8.43
C MET B 115 26.52 -16.26 -7.20
N ASP B 116 27.73 -16.84 -7.23
CA ASP B 116 28.67 -16.73 -6.11
C ASP B 116 29.02 -15.29 -5.84
N ARG B 117 29.33 -14.58 -6.91
CA ARG B 117 29.70 -13.20 -6.84
C ARG B 117 28.53 -12.37 -6.27
N LEU B 118 27.31 -12.66 -6.71
CA LEU B 118 26.13 -11.92 -6.25
C LEU B 118 25.87 -12.22 -4.73
N ILE B 119 25.89 -13.49 -4.36
CA ILE B 119 25.79 -13.88 -2.95
C ILE B 119 26.77 -13.09 -2.11
N ASP B 120 28.00 -13.03 -2.58
CA ASP B 120 29.09 -12.29 -1.88
C ASP B 120 28.81 -10.79 -1.76
N GLU B 121 28.38 -10.17 -2.85
CA GLU B 121 27.95 -8.78 -2.83
C GLU B 121 26.74 -8.57 -1.85
N MET B 122 25.74 -9.46 -1.90
CA MET B 122 24.63 -9.32 -0.97
C MET B 122 25.09 -9.48 0.51
N ASP B 123 25.91 -10.48 0.82
CA ASP B 123 26.47 -10.65 2.21
C ASP B 123 27.19 -9.36 2.64
N ASP B 124 27.99 -8.82 1.75
CA ASP B 124 28.79 -7.63 2.02
C ASP B 124 27.86 -6.44 2.41
N LEU B 125 26.88 -6.13 1.53
CA LEU B 125 25.90 -5.06 1.78
C LEU B 125 25.18 -5.31 3.10
N ALA B 126 24.83 -6.54 3.38
CA ALA B 126 24.07 -6.81 4.61
C ALA B 126 24.88 -6.53 5.83
N ALA B 127 26.17 -6.93 5.82
CA ALA B 127 27.08 -6.69 6.96
C ALA B 127 27.32 -5.22 7.15
N GLN B 128 27.46 -4.46 6.07
CA GLN B 128 27.63 -2.98 6.21
C GLN B 128 26.41 -2.20 6.74
N ILE B 129 25.24 -2.47 6.16
CA ILE B 129 23.98 -1.72 6.34
C ILE B 129 23.15 -2.24 7.56
N GLY B 130 23.00 -3.54 7.69
CA GLY B 130 22.44 -4.07 8.94
C GLY B 130 20.93 -4.04 8.87
N ALA B 131 20.31 -4.61 9.88
CA ALA B 131 18.83 -4.69 9.93
C ALA B 131 18.18 -3.69 10.91
N GLU B 132 18.97 -3.07 11.79
CA GLU B 132 18.37 -2.18 12.78
C GLU B 132 17.83 -0.89 12.12
N GLU B 133 18.63 -0.30 11.25
CA GLU B 133 18.23 1.00 10.64
C GLU B 133 18.83 1.12 9.26
N PRO B 134 18.42 0.20 8.38
CA PRO B 134 18.98 0.17 7.01
C PRO B 134 18.82 1.53 6.28
N TRP B 135 17.74 2.23 6.55
CA TRP B 135 17.56 3.54 5.89
C TRP B 135 18.58 4.59 6.23
N ALA B 136 19.30 4.39 7.36
CA ALA B 136 20.23 5.45 7.84
C ALA B 136 21.62 5.42 7.15
N HIS B 137 21.94 4.34 6.49
CA HIS B 137 23.24 4.20 5.88
C HIS B 137 23.42 5.11 4.66
N PRO B 138 24.62 5.64 4.46
CA PRO B 138 24.75 6.50 3.27
C PRO B 138 24.49 5.81 1.92
N LEU B 139 24.65 4.48 1.84
CA LEU B 139 24.33 3.78 0.59
C LEU B 139 22.79 3.57 0.34
N ALA B 140 21.98 3.89 1.36
CA ALA B 140 20.61 3.45 1.47
C ALA B 140 19.68 4.09 0.42
N ARG B 141 19.81 5.40 0.25
CA ARG B 141 19.01 6.12 -0.74
C ARG B 141 19.09 5.54 -2.18
N ASP B 142 20.29 5.37 -2.68
CA ASP B 142 20.43 4.73 -3.98
C ASP B 142 19.93 3.27 -4.00
N LEU B 143 20.15 2.50 -2.94
CA LEU B 143 19.58 1.15 -2.93
C LEU B 143 18.05 1.08 -2.85
N ASP B 144 17.43 2.08 -2.22
CA ASP B 144 16.01 2.08 -2.00
C ASP B 144 15.24 2.71 -3.16
N THR B 145 15.89 3.29 -4.16
CA THR B 145 15.18 3.88 -5.24
C THR B 145 15.34 3.09 -6.51
N VAL B 146 15.92 1.91 -6.43
CA VAL B 146 16.04 1.06 -7.63
C VAL B 146 15.39 -0.26 -7.24
N SER B 147 14.58 -0.85 -8.14
CA SER B 147 14.03 -2.18 -7.77
C SER B 147 15.06 -3.26 -7.66
N PHE B 148 14.78 -4.30 -6.86
CA PHE B 148 15.67 -5.45 -6.85
C PHE B 148 15.87 -6.02 -8.24
N LYS B 149 14.83 -6.06 -9.08
CA LYS B 149 14.98 -6.61 -10.45
C LYS B 149 15.99 -5.80 -11.22
N GLN B 150 15.89 -4.46 -11.10
CA GLN B 150 16.73 -3.55 -11.88
C GLN B 150 18.19 -3.57 -11.33
N TRP B 151 18.34 -3.64 -10.02
CA TRP B 151 19.64 -3.73 -9.42
C TRP B 151 20.33 -5.02 -9.88
N LEU B 152 19.62 -6.14 -9.95
CA LEU B 152 20.28 -7.37 -10.41
C LEU B 152 20.73 -7.24 -11.88
N ILE B 153 19.89 -6.66 -12.73
CA ILE B 153 20.28 -6.33 -14.10
C ILE B 153 21.54 -5.45 -14.15
N ASN B 154 21.65 -4.42 -13.30
CA ASN B 154 22.84 -3.57 -13.20
C ASN B 154 24.08 -4.33 -12.72
N GLN B 155 23.90 -5.45 -12.04
CA GLN B 155 25.05 -6.20 -11.53
C GLN B 155 25.45 -7.34 -12.45
N SER B 156 24.52 -7.97 -13.14
CA SER B 156 24.90 -9.13 -13.88
C SER B 156 24.17 -9.30 -15.21
N ASP B 157 24.87 -9.79 -16.22
CA ASP B 157 24.26 -10.12 -17.52
C ASP B 157 23.71 -11.51 -17.60
N ASP B 158 23.84 -12.29 -16.52
CA ASP B 158 23.38 -13.67 -16.54
C ASP B 158 21.94 -13.86 -16.06
N ALA B 159 21.02 -14.09 -17.00
CA ALA B 159 19.60 -14.19 -16.69
C ALA B 159 19.33 -15.19 -15.60
N GLU B 160 19.90 -16.40 -15.73
CA GLU B 160 19.65 -17.49 -14.82
C GLU B 160 20.15 -17.17 -13.43
N ALA B 161 21.35 -16.58 -13.38
CA ALA B 161 21.89 -16.22 -12.06
C ALA B 161 20.94 -15.22 -11.37
N ARG B 162 20.44 -14.21 -12.09
CA ARG B 162 19.56 -13.14 -11.52
C ARG B 162 18.25 -13.76 -11.06
N ASP B 163 17.75 -14.71 -11.84
CA ASP B 163 16.53 -15.44 -11.44
C ASP B 163 16.67 -16.32 -10.22
N ASN B 164 17.81 -16.96 -10.04
CA ASN B 164 17.98 -17.74 -8.89
C ASN B 164 18.22 -16.86 -7.64
N ILE B 165 19.02 -15.80 -7.75
CA ILE B 165 19.15 -14.85 -6.67
C ILE B 165 17.83 -14.27 -6.23
N GLY B 166 17.01 -13.81 -7.19
CA GLY B 166 15.61 -13.46 -6.90
C GLY B 166 14.77 -14.58 -6.28
N LEU B 167 15.01 -15.83 -6.63
CA LEU B 167 14.17 -16.89 -6.09
C LEU B 167 14.23 -16.82 -4.56
N PHE B 168 15.41 -16.46 -4.02
CA PHE B 168 15.61 -16.60 -2.57
C PHE B 168 14.96 -15.43 -1.82
N ILE B 169 14.80 -14.27 -2.45
CA ILE B 169 14.29 -13.06 -1.76
C ILE B 169 12.84 -12.78 -2.13
N ALA B 170 12.58 -12.73 -3.42
CA ALA B 170 11.29 -12.41 -3.92
C ALA B 170 10.27 -13.54 -3.75
N GLY B 171 10.49 -14.73 -4.32
CA GLY B 171 9.54 -15.79 -4.05
C GLY B 171 9.76 -16.36 -2.66
N GLY B 172 10.98 -16.31 -2.14
CA GLY B 172 11.32 -17.14 -0.99
C GLY B 172 11.07 -16.45 0.34
N MET B 173 11.02 -15.11 0.32
CA MET B 173 10.88 -14.36 1.60
C MET B 173 9.81 -13.30 1.53
N LEU B 174 9.97 -12.28 0.66
CA LEU B 174 9.08 -11.14 0.68
C LEU B 174 7.78 -11.51 -0.02
N THR B 175 7.78 -12.64 -0.75
CA THR B 175 6.58 -13.06 -1.49
C THR B 175 5.92 -11.97 -2.36
N LYS B 176 6.77 -11.27 -3.10
CA LYS B 176 6.41 -10.17 -4.00
C LYS B 176 7.35 -10.26 -5.17
N PRO B 177 6.94 -9.85 -6.39
CA PRO B 177 7.84 -9.89 -7.52
C PRO B 177 8.96 -8.94 -7.37
N ALA B 178 10.10 -9.26 -7.98
CA ALA B 178 11.34 -8.50 -7.74
C ALA B 178 11.27 -7.07 -8.29
N HIS B 179 10.37 -6.82 -9.22
CA HIS B 179 10.26 -5.46 -9.75
C HIS B 179 9.52 -4.54 -8.76
N SER B 180 9.00 -5.09 -7.66
CA SER B 180 8.07 -4.31 -6.87
C SER B 180 8.58 -3.89 -5.50
N PHE B 181 9.82 -4.31 -5.12
CA PHE B 181 10.48 -3.84 -3.91
C PHE B 181 11.94 -3.50 -4.23
N SER B 182 12.61 -2.79 -3.34
CA SER B 182 13.94 -2.23 -3.68
C SER B 182 15.13 -3.12 -3.35
N ALA B 183 16.26 -2.85 -4.01
CA ALA B 183 17.52 -3.43 -3.53
C ALA B 183 17.71 -3.30 -1.99
N LEU B 184 17.39 -2.14 -1.41
CA LEU B 184 17.59 -1.97 0.05
C LEU B 184 16.77 -2.98 0.81
N GLN B 185 15.57 -3.23 0.31
CA GLN B 185 14.66 -4.20 1.01
C GLN B 185 15.20 -5.64 0.93
N ALA B 186 15.84 -5.97 -0.21
CA ALA B 186 16.59 -7.23 -0.29
C ALA B 186 17.75 -7.27 0.72
N VAL B 187 18.48 -6.15 0.88
CA VAL B 187 19.57 -6.13 1.82
C VAL B 187 19.04 -6.35 3.23
N LEU B 188 17.94 -5.69 3.57
CA LEU B 188 17.41 -5.78 4.92
C LEU B 188 17.00 -7.19 5.25
N MET B 189 16.40 -7.88 4.28
CA MET B 189 15.88 -9.24 4.48
C MET B 189 17.08 -10.18 4.80
N ALA B 190 18.11 -10.13 3.93
CA ALA B 190 19.43 -10.72 4.20
C ALA B 190 20.02 -10.38 5.57
N ALA B 191 20.13 -9.08 5.92
CA ALA B 191 20.73 -8.70 7.22
C ALA B 191 19.89 -9.23 8.36
N SER B 192 18.58 -9.21 8.23
CA SER B 192 17.70 -9.64 9.33
C SER B 192 17.90 -11.12 9.71
N ALA B 193 18.33 -11.93 8.75
CA ALA B 193 18.54 -13.38 8.92
C ALA B 193 20.03 -13.74 9.15
N GLY B 194 20.89 -12.72 9.29
CA GLY B 194 22.30 -12.94 9.60
C GLY B 194 23.25 -12.78 8.42
N SER B 195 22.82 -13.12 7.21
CA SER B 195 23.61 -12.90 5.96
C SER B 195 22.70 -13.38 4.86
N PHE B 196 22.97 -13.00 3.62
CA PHE B 196 22.26 -13.54 2.52
C PHE B 196 22.62 -15.03 2.42
N SER B 197 23.87 -15.41 2.70
CA SER B 197 24.21 -16.86 2.58
C SER B 197 23.25 -17.71 3.44
N HIS B 198 22.87 -17.24 4.63
CA HIS B 198 21.89 -17.98 5.41
C HIS B 198 20.52 -18.22 4.71
N LEU B 199 20.07 -17.31 3.86
CA LEU B 199 18.77 -17.45 3.24
C LEU B 199 18.91 -18.34 2.03
N VAL B 200 20.13 -18.53 1.59
CA VAL B 200 20.40 -19.32 0.40
C VAL B 200 20.40 -20.82 0.75
N ASP B 201 20.87 -21.12 1.96
CA ASP B 201 21.02 -22.47 2.43
C ASP B 201 19.78 -22.95 3.23
N GLU B 202 18.95 -23.80 2.62
CA GLU B 202 17.73 -24.21 3.27
C GLU B 202 18.07 -25.00 4.54
N ASP B 203 19.32 -25.49 4.65
CA ASP B 203 19.76 -26.22 5.87
C ASP B 203 19.93 -25.28 7.04
N PHE B 204 20.03 -23.98 6.74
CA PHE B 204 20.15 -23.00 7.80
C PHE B 204 18.77 -22.43 8.08
N ILE B 205 18.17 -21.74 7.12
CA ILE B 205 16.96 -20.97 7.38
C ILE B 205 15.74 -21.89 7.62
N LEU B 206 15.71 -23.07 7.00
CA LEU B 206 14.65 -24.05 7.18
C LEU B 206 15.19 -25.30 7.96
N ASP B 207 16.01 -25.09 8.99
CA ASP B 207 16.73 -26.16 9.70
C ASP B 207 15.84 -27.03 10.57
N LYS B 208 15.15 -26.42 11.55
CA LYS B 208 14.30 -27.17 12.49
C LYS B 208 12.81 -26.84 12.54
N ARG B 209 12.03 -27.70 13.17
CA ARG B 209 10.64 -27.44 13.54
C ARG B 209 10.44 -27.70 15.04
N VAL B 210 9.30 -27.32 15.58
CA VAL B 210 9.06 -27.52 16.98
C VAL B 210 8.26 -28.79 17.10
N ILE B 211 8.64 -29.63 18.07
CA ILE B 211 7.87 -30.84 18.33
C ILE B 211 6.51 -30.46 18.95
N GLY B 212 5.42 -30.82 18.29
CA GLY B 212 4.10 -30.34 18.70
C GLY B 212 3.62 -29.07 17.93
N GLY B 213 4.50 -28.50 17.09
CA GLY B 213 4.14 -27.34 16.20
C GLY B 213 4.42 -25.96 16.78
N MET B 214 4.74 -25.03 15.92
CA MET B 214 4.98 -23.64 16.31
C MET B 214 3.81 -22.96 17.07
N GLN B 215 2.55 -23.30 16.77
CA GLN B 215 1.45 -22.65 17.44
C GLN B 215 1.53 -22.86 18.99
N GLN B 216 2.21 -23.93 19.43
CA GLN B 216 2.38 -24.19 20.84
C GLN B 216 3.11 -23.08 21.54
N VAL B 217 4.03 -22.40 20.87
CA VAL B 217 4.63 -21.23 21.46
C VAL B 217 3.56 -20.21 21.90
N SER B 218 2.59 -19.88 21.05
CA SER B 218 1.57 -18.97 21.46
C SER B 218 0.62 -19.57 22.48
N ILE B 219 0.18 -20.80 22.20
CA ILE B 219 -0.80 -21.43 23.05
C ILE B 219 -0.31 -21.48 24.52
N ARG B 220 0.95 -21.80 24.72
CA ARG B 220 1.47 -21.88 26.08
C ARG B 220 1.63 -20.55 26.72
N MET B 221 2.08 -19.54 25.96
CA MET B 221 2.08 -18.18 26.55
C MET B 221 0.67 -17.75 26.95
N ALA B 222 -0.32 -18.07 26.13
CA ALA B 222 -1.66 -17.62 26.39
C ALA B 222 -2.26 -18.36 27.57
N GLU B 223 -1.95 -19.66 27.71
CA GLU B 223 -2.43 -20.45 28.83
C GLU B 223 -2.00 -19.82 30.17
N ALA B 224 -0.72 -19.40 30.26
CA ALA B 224 -0.19 -18.73 31.48
C ALA B 224 -0.89 -17.36 31.76
N LEU B 225 -1.39 -16.68 30.74
CA LEU B 225 -2.15 -15.43 30.95
C LEU B 225 -3.62 -15.65 31.38
N GLY B 226 -4.16 -16.87 31.23
CA GLY B 226 -5.47 -17.16 31.85
C GLY B 226 -6.55 -16.23 31.35
N ASP B 227 -7.41 -15.74 32.23
CA ASP B 227 -8.51 -14.83 31.91
C ASP B 227 -8.13 -13.43 31.39
N ASP B 228 -6.85 -13.09 31.35
CA ASP B 228 -6.51 -11.85 30.73
C ASP B 228 -6.46 -11.94 29.18
N VAL B 229 -6.72 -13.13 28.59
CA VAL B 229 -6.84 -13.23 27.12
C VAL B 229 -8.28 -13.33 26.76
N PHE B 230 -8.69 -12.47 25.82
CA PHE B 230 -10.07 -12.40 25.34
C PHE B 230 -10.07 -12.80 23.87
N LEU B 231 -10.83 -13.87 23.54
CA LEU B 231 -10.88 -14.37 22.19
C LEU B 231 -12.21 -13.95 21.61
N ASN B 232 -12.38 -14.11 20.29
CA ASN B 232 -13.64 -13.67 19.62
C ASN B 232 -13.96 -12.22 19.90
N ALA B 233 -12.93 -11.40 19.99
CA ALA B 233 -13.13 -10.01 20.36
C ALA B 233 -12.41 -9.03 19.48
N PRO B 234 -12.83 -8.91 18.22
CA PRO B 234 -12.13 -7.89 17.43
C PRO B 234 -12.10 -6.49 18.12
N VAL B 235 -10.96 -5.80 18.12
CA VAL B 235 -10.88 -4.46 18.65
C VAL B 235 -11.34 -3.48 17.54
N ARG B 236 -12.19 -2.52 17.90
CA ARG B 236 -12.82 -1.63 16.94
C ARG B 236 -12.36 -0.16 17.09
N THR B 237 -12.06 0.23 18.32
CA THR B 237 -11.80 1.62 18.64
C THR B 237 -10.73 1.70 19.68
N VAL B 238 -9.81 2.65 19.48
CA VAL B 238 -8.85 3.11 20.48
C VAL B 238 -9.01 4.66 20.72
N LYS B 239 -9.40 5.02 21.94
CA LYS B 239 -9.63 6.43 22.32
C LYS B 239 -8.45 6.81 23.17
N TRP B 240 -7.75 7.88 22.86
CA TRP B 240 -6.50 8.13 23.58
C TRP B 240 -6.19 9.58 23.80
N ASN B 241 -5.23 9.78 24.71
CA ASN B 241 -4.66 11.06 24.98
C ASN B 241 -3.33 10.83 25.70
N GLU B 242 -2.74 11.90 26.20
CA GLU B 242 -1.32 11.84 26.56
C GLU B 242 -1.10 10.86 27.69
N SER B 243 -2.13 10.62 28.50
CA SER B 243 -1.92 9.83 29.68
C SER B 243 -2.61 8.40 29.71
N GLY B 244 -3.15 7.93 28.58
CA GLY B 244 -4.28 6.97 28.64
C GLY B 244 -4.73 6.49 27.28
N ALA B 245 -5.10 5.22 27.19
CA ALA B 245 -5.89 4.73 26.06
C ALA B 245 -7.04 3.84 26.59
N THR B 246 -8.17 3.90 25.91
CA THR B 246 -9.32 3.04 26.21
C THR B 246 -9.51 2.22 24.96
N VAL B 247 -9.58 0.89 25.09
CA VAL B 247 -9.72 0.01 23.96
C VAL B 247 -11.10 -0.64 24.00
N LEU B 248 -11.80 -0.57 22.87
CA LEU B 248 -13.14 -1.11 22.81
C LEU B 248 -13.17 -2.26 21.79
N ALA B 249 -13.82 -3.37 22.16
CA ALA B 249 -13.87 -4.56 21.35
C ALA B 249 -15.25 -5.20 21.41
N ASP B 250 -15.61 -5.97 20.39
CA ASP B 250 -16.80 -6.75 20.32
C ASP B 250 -17.08 -7.51 21.63
N GLY B 251 -18.35 -7.66 22.00
CA GLY B 251 -18.75 -8.35 23.19
C GLY B 251 -18.80 -7.35 24.33
N ASP B 252 -18.97 -6.08 23.99
CA ASP B 252 -19.01 -5.04 25.02
C ASP B 252 -17.73 -5.01 25.94
N ILE B 253 -16.56 -5.31 25.39
CA ILE B 253 -15.27 -5.23 26.11
C ILE B 253 -14.66 -3.81 26.08
N ARG B 254 -14.22 -3.36 27.24
CA ARG B 254 -13.65 -2.04 27.41
C ARG B 254 -12.44 -2.16 28.33
N VAL B 255 -11.27 -1.76 27.84
CA VAL B 255 -10.06 -1.83 28.67
C VAL B 255 -9.43 -0.45 28.77
N GLU B 256 -9.33 0.03 30.00
CA GLU B 256 -8.76 1.34 30.27
C GLU B 256 -7.34 1.12 30.71
N ALA B 257 -6.41 1.63 29.93
CA ALA B 257 -5.01 1.23 30.10
C ALA B 257 -4.16 2.48 30.09
N SER B 258 -2.96 2.43 30.66
CA SER B 258 -2.00 3.49 30.44
C SER B 258 -1.38 3.51 29.05
N ARG B 259 -1.05 2.31 28.52
CA ARG B 259 -0.50 2.17 27.15
C ARG B 259 -1.22 1.09 26.41
N VAL B 260 -1.21 1.19 25.06
CA VAL B 260 -1.74 0.17 24.15
C VAL B 260 -0.61 -0.34 23.26
N ILE B 261 -0.60 -1.65 23.02
CA ILE B 261 0.29 -2.21 22.00
C ILE B 261 -0.57 -2.73 20.85
N LEU B 262 -0.38 -2.18 19.63
CA LEU B 262 -0.98 -2.75 18.39
C LEU B 262 -0.08 -3.91 17.93
N ALA B 263 -0.41 -5.14 18.29
CA ALA B 263 0.44 -6.27 17.92
C ALA B 263 -0.14 -6.98 16.71
N VAL B 264 -0.35 -6.25 15.62
CA VAL B 264 -1.08 -6.73 14.45
C VAL B 264 -0.19 -6.32 13.24
N PRO B 265 -0.31 -7.02 12.12
CA PRO B 265 0.53 -6.55 10.99
C PRO B 265 0.05 -5.14 10.50
N PRO B 266 0.97 -4.32 10.00
CA PRO B 266 0.66 -2.91 9.68
C PRO B 266 -0.43 -2.68 8.66
N ASN B 267 -0.70 -3.65 7.78
CA ASN B 267 -1.75 -3.46 6.81
C ASN B 267 -3.07 -3.46 7.54
N LEU B 268 -3.10 -3.84 8.83
CA LEU B 268 -4.38 -3.92 9.50
C LEU B 268 -4.60 -2.82 10.53
N TYR B 269 -3.69 -1.84 10.63
CA TYR B 269 -3.90 -0.81 11.63
C TYR B 269 -5.19 -0.03 11.40
N SER B 270 -5.55 0.24 10.14
CA SER B 270 -6.70 1.11 9.90
C SER B 270 -8.07 0.34 10.02
N ARG B 271 -8.01 -0.96 10.36
CA ARG B 271 -9.23 -1.66 10.79
C ARG B 271 -9.73 -1.08 12.11
N ILE B 272 -8.87 -0.41 12.89
CA ILE B 272 -9.32 0.19 14.13
C ILE B 272 -9.56 1.70 13.96
N SER B 273 -10.60 2.27 14.60
CA SER B 273 -10.77 3.73 14.62
C SER B 273 -9.99 4.31 15.77
N TYR B 274 -9.28 5.39 15.52
CA TYR B 274 -8.50 6.07 16.56
C TYR B 274 -9.16 7.42 16.83
N ASP B 275 -9.32 7.73 18.11
CA ASP B 275 -10.02 8.92 18.53
C ASP B 275 -9.17 9.58 19.60
N PRO B 276 -8.43 10.62 19.23
CA PRO B 276 -8.42 11.30 17.92
C PRO B 276 -7.61 10.51 16.86
N PRO B 277 -7.72 10.91 15.57
CA PRO B 277 -6.98 10.19 14.50
C PRO B 277 -5.47 10.17 14.75
N LEU B 278 -4.76 9.15 14.23
CA LEU B 278 -3.30 9.13 14.26
C LEU B 278 -2.80 10.31 13.39
N PRO B 279 -1.53 10.74 13.57
CA PRO B 279 -0.96 11.90 12.90
C PRO B 279 -0.73 11.58 11.45
N ARG B 280 -0.46 12.62 10.65
CA ARG B 280 -0.40 12.46 9.22
C ARG B 280 0.65 11.39 8.85
N ARG B 281 1.71 11.37 9.63
CA ARG B 281 2.86 10.55 9.22
C ARG B 281 2.47 9.04 9.24
N GLN B 282 1.79 8.60 10.29
CA GLN B 282 1.18 7.26 10.35
C GLN B 282 0.06 7.04 9.26
N HIS B 283 -0.84 8.02 9.05
CA HIS B 283 -1.89 7.89 8.02
C HIS B 283 -1.23 7.50 6.66
N GLN B 284 -0.10 8.19 6.34
CA GLN B 284 0.57 8.05 5.06
C GLN B 284 1.38 6.74 5.09
N MET B 285 2.21 6.55 6.12
CA MET B 285 3.10 5.40 6.19
C MET B 285 2.35 4.08 6.11
N HIS B 286 1.25 4.00 6.84
CA HIS B 286 0.52 2.72 6.92
C HIS B 286 -0.09 2.33 5.58
N GLN B 287 -0.40 3.30 4.74
CA GLN B 287 -0.85 3.00 3.37
C GLN B 287 0.22 2.35 2.50
N HIS B 288 1.51 2.57 2.83
CA HIS B 288 2.56 2.08 1.96
C HIS B 288 3.09 0.71 2.43
N GLN B 289 2.39 0.02 3.34
CA GLN B 289 2.82 -1.27 3.87
C GLN B 289 1.82 -2.34 3.31
N SER B 290 2.27 -3.50 2.83
CA SER B 290 1.37 -4.50 2.31
C SER B 290 1.99 -5.87 2.44
N LEU B 291 1.15 -6.88 2.68
CA LEU B 291 1.60 -8.26 2.78
C LEU B 291 1.91 -8.82 1.40
N GLY B 292 2.83 -9.77 1.33
CA GLY B 292 3.00 -10.53 0.06
C GLY B 292 1.88 -11.56 -0.08
N LEU B 293 2.06 -12.51 -1.00
CA LEU B 293 1.07 -13.57 -1.12
C LEU B 293 1.86 -14.81 -1.51
N VAL B 294 1.57 -15.92 -0.85
CA VAL B 294 2.14 -17.19 -1.18
C VAL B 294 1.14 -18.33 -0.82
N ILE B 295 1.09 -19.38 -1.64
CA ILE B 295 0.27 -20.55 -1.28
C ILE B 295 1.23 -21.55 -0.65
N LYS B 296 0.97 -21.95 0.60
CA LYS B 296 1.76 -23.02 1.23
C LYS B 296 0.98 -24.33 0.96
N VAL B 297 1.55 -25.19 0.13
CA VAL B 297 0.88 -26.39 -0.29
C VAL B 297 1.28 -27.57 0.62
N HIS B 298 0.32 -28.39 1.04
CA HIS B 298 0.55 -29.56 1.88
C HIS B 298 0.14 -30.85 1.16
N ALA B 299 1.03 -31.86 1.10
CA ALA B 299 0.70 -33.09 0.44
C ALA B 299 1.18 -34.29 1.29
N VAL B 300 0.23 -35.15 1.66
CA VAL B 300 0.52 -36.23 2.61
C VAL B 300 0.37 -37.54 1.83
N TYR B 301 1.37 -38.41 1.96
CA TYR B 301 1.46 -39.72 1.27
C TYR B 301 1.60 -40.86 2.28
N GLU B 302 1.22 -42.07 1.82
CA GLU B 302 1.37 -43.34 2.65
C GLU B 302 2.76 -43.44 3.30
N THR B 303 3.81 -43.10 2.56
CA THR B 303 5.20 -43.08 3.11
C THR B 303 5.93 -41.83 2.53
N PRO B 304 7.08 -41.43 3.08
CA PRO B 304 7.93 -40.47 2.36
C PRO B 304 8.64 -41.10 1.16
N PHE B 305 7.85 -41.40 0.13
CA PHE B 305 8.33 -42.25 -1.00
C PHE B 305 9.61 -41.72 -1.66
N TRP B 306 9.83 -40.40 -1.66
CA TRP B 306 11.01 -39.84 -2.34
C TRP B 306 12.31 -40.33 -1.70
N ARG B 307 12.27 -40.67 -0.42
CA ARG B 307 13.46 -41.10 0.27
C ARG B 307 13.97 -42.47 -0.27
N GLU B 308 13.07 -43.37 -0.67
CA GLU B 308 13.47 -44.60 -1.37
C GLU B 308 14.22 -44.30 -2.68
N ASP B 309 13.99 -43.15 -3.30
CA ASP B 309 14.68 -42.90 -4.56
C ASP B 309 15.91 -42.12 -4.38
N GLY B 310 16.40 -42.03 -3.14
CA GLY B 310 17.64 -41.32 -2.90
C GLY B 310 17.49 -39.79 -2.87
N LEU B 311 16.25 -39.28 -2.82
CA LEU B 311 15.97 -37.84 -2.82
C LEU B 311 15.72 -37.25 -1.42
N SER B 312 16.26 -36.06 -1.18
CA SER B 312 15.99 -35.35 0.11
C SER B 312 14.53 -34.84 0.24
N GLY B 313 13.82 -34.71 -0.89
CA GLY B 313 12.55 -34.00 -0.94
C GLY B 313 12.61 -32.49 -1.29
N THR B 314 13.83 -31.91 -1.26
CA THR B 314 14.11 -30.53 -1.56
C THR B 314 14.18 -30.32 -3.10
N GLY B 315 13.56 -29.25 -3.58
CA GLY B 315 13.53 -28.98 -5.00
C GLY B 315 13.44 -27.46 -5.19
N PHE B 316 14.19 -26.91 -6.15
CA PHE B 316 14.19 -25.49 -6.48
C PHE B 316 14.00 -25.35 -7.98
N GLY B 317 13.21 -24.37 -8.44
CA GLY B 317 12.99 -24.11 -9.87
C GLY B 317 12.38 -22.74 -10.02
N ALA B 318 13.18 -21.74 -10.39
CA ALA B 318 12.70 -20.36 -10.45
C ALA B 318 11.69 -20.18 -11.57
N SER B 319 11.71 -21.04 -12.58
CA SER B 319 10.69 -20.89 -13.60
C SER B 319 9.54 -21.82 -13.45
N GLU B 320 9.42 -22.53 -12.33
CA GLU B 320 8.22 -23.43 -12.20
C GLU B 320 7.06 -22.72 -11.53
N VAL B 321 5.83 -23.23 -11.63
CA VAL B 321 4.77 -22.66 -10.86
C VAL B 321 5.04 -22.83 -9.37
N VAL B 322 5.57 -24.00 -9.00
CA VAL B 322 5.97 -24.25 -7.64
C VAL B 322 7.47 -24.00 -7.61
N GLN B 323 7.96 -23.01 -6.87
CA GLN B 323 9.39 -22.73 -6.97
C GLN B 323 10.25 -23.46 -5.95
N GLU B 324 9.64 -24.03 -4.93
CA GLU B 324 10.31 -24.74 -3.86
C GLU B 324 9.42 -25.86 -3.37
N VAL B 325 10.05 -26.98 -3.03
CA VAL B 325 9.45 -28.12 -2.33
C VAL B 325 10.45 -28.66 -1.32
N TYR B 326 9.92 -29.10 -0.17
CA TYR B 326 10.75 -29.66 0.89
C TYR B 326 10.04 -30.84 1.56
N ASP B 327 10.82 -31.69 2.18
CA ASP B 327 10.30 -32.76 3.06
C ASP B 327 9.73 -32.04 4.27
N ASN B 328 8.46 -32.29 4.55
CA ASN B 328 7.83 -31.71 5.72
C ASN B 328 7.19 -32.77 6.61
N THR B 329 7.84 -33.93 6.69
CA THR B 329 7.27 -35.08 7.41
C THR B 329 7.21 -34.76 8.89
N ASN B 330 6.05 -35.02 9.52
CA ASN B 330 5.87 -34.74 10.99
C ASN B 330 6.81 -35.62 11.80
N HIS B 331 7.33 -35.09 12.91
CA HIS B 331 8.11 -35.85 13.88
C HIS B 331 7.53 -37.27 14.15
N GLU B 332 8.35 -38.30 13.99
CA GLU B 332 7.93 -39.72 14.20
C GLU B 332 6.69 -40.16 13.41
N ASP B 333 6.42 -39.57 12.25
CA ASP B 333 5.25 -39.96 11.44
C ASP B 333 5.84 -40.94 10.44
N ASP B 334 5.11 -42.02 10.24
CA ASP B 334 5.37 -43.01 9.18
C ASP B 334 4.89 -42.46 7.81
N ARG B 335 3.82 -41.68 7.77
CA ARG B 335 3.40 -41.03 6.51
C ARG B 335 4.37 -39.90 6.14
N GLY B 336 4.62 -39.74 4.86
CA GLY B 336 5.35 -38.56 4.42
C GLY B 336 4.45 -37.38 4.11
N THR B 337 4.98 -36.19 4.34
CA THR B 337 4.30 -34.93 3.99
C THR B 337 5.29 -34.04 3.21
N LEU B 338 4.86 -33.54 2.06
CA LEU B 338 5.64 -32.54 1.34
C LEU B 338 5.04 -31.18 1.71
N VAL B 339 5.92 -30.17 1.68
CA VAL B 339 5.53 -28.75 1.66
C VAL B 339 6.11 -28.07 0.42
N ALA B 340 5.32 -27.22 -0.22
CA ALA B 340 5.77 -26.50 -1.41
C ALA B 340 5.16 -25.08 -1.41
N PHE B 341 5.74 -24.19 -2.20
CA PHE B 341 5.38 -22.80 -2.19
C PHE B 341 5.13 -22.25 -3.54
N VAL B 342 3.98 -21.60 -3.69
CA VAL B 342 3.62 -20.92 -4.97
C VAL B 342 3.54 -19.44 -4.68
N SER B 343 4.47 -18.65 -5.27
CA SER B 343 4.62 -17.27 -4.80
C SER B 343 4.05 -16.14 -5.66
N ASP B 344 3.60 -15.07 -4.99
CA ASP B 344 3.12 -13.80 -5.56
C ASP B 344 2.27 -13.92 -6.84
N GLU B 345 2.79 -13.46 -7.98
CA GLU B 345 1.96 -13.43 -9.20
C GLU B 345 1.63 -14.86 -9.67
N LYS B 346 2.47 -15.83 -9.32
CA LYS B 346 2.16 -17.24 -9.62
C LYS B 346 1.00 -17.75 -8.74
N ALA B 347 0.91 -17.26 -7.50
CA ALA B 347 -0.22 -17.55 -6.61
C ALA B 347 -1.54 -17.01 -7.13
N ASP B 348 -1.55 -15.75 -7.60
CA ASP B 348 -2.77 -15.12 -8.18
C ASP B 348 -3.29 -15.98 -9.36
N ALA B 349 -2.35 -16.42 -10.16
CA ALA B 349 -2.63 -17.18 -11.37
C ALA B 349 -3.28 -18.51 -10.96
N MET B 350 -2.71 -19.23 -9.98
CA MET B 350 -3.31 -20.46 -9.49
C MET B 350 -4.67 -20.23 -8.91
N PHE B 351 -4.87 -19.10 -8.20
CA PHE B 351 -6.18 -18.87 -7.58
C PHE B 351 -7.26 -18.53 -8.59
N GLU B 352 -6.87 -18.11 -9.77
CA GLU B 352 -7.84 -17.89 -10.81
C GLU B 352 -8.29 -19.19 -11.46
N LEU B 353 -7.60 -20.33 -11.23
CA LEU B 353 -8.05 -21.60 -11.81
C LEU B 353 -9.05 -22.14 -10.83
N SER B 354 -9.87 -23.08 -11.31
CA SER B 354 -10.77 -23.80 -10.41
C SER B 354 -9.95 -24.61 -9.43
N ALA B 355 -10.58 -24.98 -8.30
CA ALA B 355 -9.93 -25.68 -7.25
C ALA B 355 -9.28 -26.97 -7.82
N GLU B 356 -10.01 -27.64 -8.68
CA GLU B 356 -9.61 -28.87 -9.35
C GLU B 356 -8.35 -28.64 -10.26
N GLU B 357 -8.42 -27.62 -11.12
CA GLU B 357 -7.36 -27.37 -12.06
C GLU B 357 -6.07 -26.91 -11.35
N ARG B 358 -6.26 -26.13 -10.30
CA ARG B 358 -5.18 -25.63 -9.50
C ARG B 358 -4.38 -26.79 -8.80
N LYS B 359 -5.12 -27.68 -8.16
CA LYS B 359 -4.56 -28.88 -7.52
C LYS B 359 -3.80 -29.72 -8.54
N ALA B 360 -4.44 -29.93 -9.70
CA ALA B 360 -3.81 -30.74 -10.74
C ALA B 360 -2.53 -30.10 -11.22
N THR B 361 -2.49 -28.79 -11.26
CA THR B 361 -1.30 -28.05 -11.76
C THR B 361 -0.17 -28.08 -10.72
N ILE B 362 -0.51 -27.87 -9.46
CA ILE B 362 0.47 -27.93 -8.43
C ILE B 362 1.00 -29.38 -8.24
N LEU B 363 0.12 -30.37 -8.23
CA LEU B 363 0.63 -31.78 -8.13
C LEU B 363 1.48 -32.14 -9.38
N ALA B 364 1.08 -31.66 -10.56
CA ALA B 364 1.94 -31.93 -11.74
C ALA B 364 3.36 -31.38 -11.50
N SER B 365 3.43 -30.26 -10.81
CA SER B 365 4.71 -29.60 -10.58
C SER B 365 5.53 -30.33 -9.47
N LEU B 366 4.88 -30.85 -8.43
CA LEU B 366 5.57 -31.69 -7.44
C LEU B 366 6.11 -32.96 -8.19
N ALA B 367 5.32 -33.48 -9.15
CA ALA B 367 5.72 -34.65 -9.92
C ALA B 367 6.90 -34.34 -10.79
N ARG B 368 6.97 -33.14 -11.34
CA ARG B 368 8.13 -32.76 -12.14
C ARG B 368 9.36 -32.80 -11.25
N TYR B 369 9.23 -32.40 -9.98
CA TYR B 369 10.39 -32.43 -9.08
C TYR B 369 10.77 -33.85 -8.62
N LEU B 370 9.81 -34.62 -8.16
CA LEU B 370 10.06 -35.81 -7.39
C LEU B 370 9.52 -37.10 -8.01
N GLY B 371 8.82 -37.06 -9.16
CA GLY B 371 8.32 -38.29 -9.75
C GLY B 371 6.81 -38.46 -9.64
N PRO B 372 6.21 -39.28 -10.55
CA PRO B 372 4.76 -39.39 -10.65
C PRO B 372 4.04 -39.84 -9.36
N LYS B 373 4.75 -40.39 -8.37
CA LYS B 373 4.04 -40.68 -7.14
C LYS B 373 3.58 -39.40 -6.36
N ALA B 374 4.20 -38.24 -6.62
CA ALA B 374 3.71 -36.96 -6.03
C ALA B 374 2.24 -36.69 -6.38
N GLU B 375 1.80 -37.27 -7.50
CA GLU B 375 0.43 -37.10 -7.95
C GLU B 375 -0.68 -37.83 -7.24
N GLU B 376 -0.32 -38.65 -6.25
CA GLU B 376 -1.31 -39.50 -5.53
C GLU B 376 -1.33 -39.30 -4.00
N PRO B 377 -1.58 -38.05 -3.52
CA PRO B 377 -1.52 -37.96 -2.06
C PRO B 377 -2.77 -38.52 -1.38
N VAL B 378 -2.67 -38.88 -0.11
CA VAL B 378 -3.88 -39.21 0.61
C VAL B 378 -4.56 -38.00 1.19
N VAL B 379 -3.81 -36.93 1.43
CA VAL B 379 -4.39 -35.64 1.85
C VAL B 379 -3.69 -34.54 1.06
N TYR B 380 -4.46 -33.57 0.59
CA TYR B 380 -3.95 -32.42 -0.09
C TYR B 380 -4.63 -31.15 0.50
N TYR B 381 -3.84 -30.12 0.84
CA TYR B 381 -4.43 -28.91 1.38
C TYR B 381 -3.61 -27.65 1.01
N GLU B 382 -4.29 -26.53 0.79
CA GLU B 382 -3.61 -25.26 0.51
C GLU B 382 -3.90 -24.27 1.63
N SER B 383 -2.85 -23.74 2.25
CA SER B 383 -3.10 -22.71 3.26
C SER B 383 -3.59 -21.49 2.51
N ASP B 384 -4.61 -20.83 3.02
CA ASP B 384 -5.14 -19.68 2.31
C ASP B 384 -5.19 -18.45 3.22
N TRP B 385 -4.04 -17.82 3.47
CA TRP B 385 -3.99 -16.68 4.39
C TRP B 385 -4.59 -15.38 3.80
N GLY B 386 -4.64 -15.30 2.46
CA GLY B 386 -5.16 -14.13 1.80
C GLY B 386 -6.65 -13.92 2.07
N SER B 387 -7.42 -15.00 2.21
CA SER B 387 -8.84 -14.90 2.49
C SER B 387 -9.16 -14.52 3.92
N GLU B 388 -8.23 -14.74 4.83
CA GLU B 388 -8.48 -14.54 6.27
C GLU B 388 -8.55 -13.06 6.54
N GLU B 389 -9.67 -12.52 7.02
CA GLU B 389 -9.69 -11.07 7.21
C GLU B 389 -8.73 -10.57 8.30
N TRP B 390 -8.31 -11.42 9.24
CA TRP B 390 -7.38 -10.97 10.31
C TRP B 390 -5.92 -11.24 9.98
N THR B 391 -5.65 -11.64 8.71
CA THR B 391 -4.26 -11.67 8.19
C THR B 391 -4.15 -10.93 6.82
N ARG B 392 -4.69 -11.53 5.74
CA ARG B 392 -4.88 -10.95 4.37
C ARG B 392 -3.69 -11.13 3.41
N GLY B 393 -2.85 -12.13 3.68
CA GLY B 393 -1.65 -12.39 2.90
C GLY B 393 -0.67 -13.22 3.69
N ALA B 394 0.52 -13.46 3.12
CA ALA B 394 1.56 -14.29 3.72
C ALA B 394 2.85 -14.05 2.89
N TYR B 395 4.02 -14.12 3.49
CA TYR B 395 4.22 -14.33 4.96
C TYR B 395 4.05 -13.05 5.79
N ALA B 396 4.40 -11.92 5.22
CA ALA B 396 4.52 -10.79 6.05
C ALA B 396 4.60 -9.50 5.18
N ALA B 397 4.62 -8.36 5.84
CA ALA B 397 4.47 -7.09 5.17
C ALA B 397 5.82 -6.46 4.95
N SER B 398 5.91 -5.66 3.89
CA SER B 398 7.10 -4.94 3.54
C SER B 398 6.60 -3.61 2.91
N PHE B 399 7.43 -2.57 2.93
CA PHE B 399 7.10 -1.36 2.18
C PHE B 399 6.93 -1.56 0.69
N ASP B 400 6.21 -0.65 0.01
CA ASP B 400 6.25 -0.62 -1.45
C ASP B 400 7.62 0.00 -1.81
N LEU B 401 7.93 0.15 -3.11
CA LEU B 401 9.25 0.55 -3.55
C LEU B 401 9.46 2.01 -3.22
N GLY B 402 10.50 2.25 -2.45
CA GLY B 402 10.77 3.58 -1.92
C GLY B 402 10.22 3.78 -0.51
N GLY B 403 9.41 2.87 0.03
CA GLY B 403 8.86 3.16 1.36
C GLY B 403 9.84 2.90 2.50
N LEU B 404 10.80 1.99 2.31
CA LEU B 404 11.72 1.69 3.39
C LEU B 404 12.60 2.90 3.82
N HIS B 405 13.18 3.61 2.85
CA HIS B 405 13.93 4.77 3.17
C HIS B 405 13.01 5.93 3.63
N ARG B 406 11.86 6.08 2.97
CA ARG B 406 10.96 7.16 3.27
C ARG B 406 10.33 7.06 4.69
N TYR B 407 10.00 5.86 5.17
CA TYR B 407 9.17 5.72 6.36
C TYR B 407 9.77 4.83 7.45
N GLY B 408 10.85 4.13 7.13
CA GLY B 408 11.44 3.13 8.01
C GLY B 408 11.80 3.62 9.39
N ALA B 409 12.36 4.82 9.49
CA ALA B 409 12.71 5.41 10.80
C ALA B 409 11.47 5.66 11.63
N ASP B 410 10.26 5.67 11.02
CA ASP B 410 9.04 5.93 11.84
C ASP B 410 8.27 4.64 12.21
N SER B 411 8.72 3.45 11.77
CA SER B 411 7.80 2.32 11.78
C SER B 411 7.67 1.74 13.18
N ARG B 412 8.63 2.00 14.05
CA ARG B 412 8.52 1.58 15.48
C ARG B 412 8.21 2.71 16.45
N THR B 413 8.17 3.97 16.00
CA THR B 413 7.99 5.08 16.98
C THR B 413 6.62 5.09 17.67
N PRO B 414 6.58 5.14 18.99
CA PRO B 414 5.25 5.26 19.61
C PRO B 414 4.53 6.56 19.27
N VAL B 415 3.20 6.55 19.34
CA VAL B 415 2.43 7.75 19.20
C VAL B 415 1.69 7.96 20.56
N GLY B 416 2.22 8.86 21.38
CA GLY B 416 1.61 9.05 22.71
C GLY B 416 1.70 7.72 23.45
N PRO B 417 0.57 7.19 23.92
CA PRO B 417 0.55 5.90 24.62
C PRO B 417 0.43 4.66 23.69
N ILE B 418 0.51 4.86 22.37
CA ILE B 418 0.24 3.79 21.43
C ILE B 418 1.61 3.25 20.93
N HIS B 419 1.83 1.96 21.12
CA HIS B 419 3.06 1.31 20.67
C HIS B 419 2.72 0.32 19.52
N PHE B 420 3.73 -0.07 18.76
CA PHE B 420 3.54 -1.00 17.63
C PHE B 420 4.48 -2.23 17.73
N SER B 421 3.99 -3.46 17.59
CA SER B 421 4.89 -4.59 17.72
C SER B 421 4.44 -5.74 16.87
N CYS B 422 5.20 -6.07 15.85
CA CYS B 422 4.91 -7.27 15.08
C CYS B 422 6.17 -7.68 14.34
N SER B 423 6.22 -8.89 13.73
CA SER B 423 7.47 -9.30 13.04
C SER B 423 7.72 -8.39 11.83
N ASP B 424 6.65 -7.81 11.28
CA ASP B 424 6.75 -7.07 9.98
C ASP B 424 7.47 -5.71 10.16
N ILE B 425 7.80 -5.34 11.41
CA ILE B 425 8.53 -4.11 11.63
C ILE B 425 9.79 -4.41 12.43
N ALA B 426 10.08 -5.72 12.58
CA ALA B 426 11.25 -6.15 13.33
C ALA B 426 12.53 -5.84 12.60
N ALA B 427 13.63 -5.82 13.35
CA ALA B 427 14.98 -5.81 12.78
C ALA B 427 15.49 -7.26 12.57
N GLU B 428 16.28 -7.81 13.51
CA GLU B 428 16.68 -9.22 13.41
C GLU B 428 15.44 -10.03 13.49
N GLY B 429 15.37 -11.01 12.61
CA GLY B 429 14.17 -11.84 12.55
C GLY B 429 12.99 -11.24 11.83
N TYR B 430 13.17 -10.05 11.21
CA TYR B 430 12.18 -9.50 10.30
C TYR B 430 11.31 -10.59 9.60
N GLN B 431 10.00 -10.43 9.70
CA GLN B 431 9.00 -11.32 9.04
C GLN B 431 8.82 -12.69 9.70
N HIS B 432 9.66 -13.01 10.69
CA HIS B 432 9.62 -14.38 11.29
C HIS B 432 9.11 -14.36 12.72
N VAL B 433 8.69 -15.51 13.24
CA VAL B 433 8.34 -15.61 14.68
C VAL B 433 9.44 -15.01 15.58
N ASP B 434 10.72 -15.29 15.25
CA ASP B 434 11.84 -14.75 16.01
C ASP B 434 11.72 -13.22 16.03
N GLY B 435 11.43 -12.58 14.89
CA GLY B 435 11.17 -11.09 14.91
C GLY B 435 9.99 -10.62 15.75
N ALA B 436 8.88 -11.36 15.67
CA ALA B 436 7.68 -11.08 16.48
C ALA B 436 8.05 -11.13 17.98
N VAL B 437 8.81 -12.17 18.34
CA VAL B 437 9.26 -12.33 19.71
C VAL B 437 10.19 -11.17 20.14
N ARG B 438 11.17 -10.85 19.30
CA ARG B 438 12.06 -9.73 19.65
C ARG B 438 11.35 -8.38 19.82
N MET B 439 10.37 -8.11 18.94
CA MET B 439 9.70 -6.85 18.92
C MET B 439 8.83 -6.78 20.14
N GLY B 440 8.19 -7.90 20.50
CA GLY B 440 7.33 -7.94 21.70
C GLY B 440 8.17 -7.66 22.95
N GLN B 441 9.34 -8.27 23.00
CA GLN B 441 10.27 -8.06 24.12
C GLN B 441 10.85 -6.65 24.16
N ARG B 442 11.16 -6.10 23.01
CA ARG B 442 11.66 -4.75 22.91
C ARG B 442 10.56 -3.74 23.34
N THR B 443 9.32 -4.00 22.95
CA THR B 443 8.23 -3.04 23.22
C THR B 443 7.93 -3.09 24.72
N ALA B 444 7.92 -4.31 25.26
CA ALA B 444 7.78 -4.48 26.69
C ALA B 444 8.85 -3.68 27.44
N ALA B 445 10.12 -3.89 27.08
CA ALA B 445 11.21 -3.24 27.81
C ALA B 445 11.10 -1.70 27.67
N ASP B 446 10.59 -1.21 26.53
CA ASP B 446 10.44 0.21 26.31
C ASP B 446 9.36 0.76 27.29
N ILE B 447 8.15 0.16 27.29
CA ILE B 447 7.10 0.46 28.25
C ILE B 447 7.52 0.39 29.74
N ILE B 448 8.34 -0.61 30.10
CA ILE B 448 8.76 -0.77 31.48
C ILE B 448 9.65 0.42 31.89
N ALA B 449 10.60 0.79 31.04
CA ALA B 449 11.48 1.88 31.35
C ALA B 449 10.64 3.14 31.47
N ARG B 450 9.70 3.36 30.58
CA ARG B 450 8.85 4.54 30.60
C ARG B 450 8.05 4.65 31.88
N SER B 451 7.64 3.54 32.42
CA SER B 451 6.78 3.57 33.58
C SER B 451 7.37 3.46 34.97
#